data_1QYL
# 
_entry.id   1QYL 
# 
_audit_conform.dict_name       mmcif_pdbx.dic 
_audit_conform.dict_version    5.389 
_audit_conform.dict_location   http://mmcif.pdb.org/dictionaries/ascii/mmcif_pdbx.dic 
# 
loop_
_database_2.database_id 
_database_2.database_code 
_database_2.pdbx_database_accession 
_database_2.pdbx_DOI 
PDB   1QYL         pdb_00001qyl 10.2210/pdb1qyl/pdb 
NDB   UD0041       ?            ?                   
RCSB  RCSB020227   ?            ?                   
WWPDB D_1000020227 ?            ?                   
# 
loop_
_pdbx_audit_revision_history.ordinal 
_pdbx_audit_revision_history.data_content_type 
_pdbx_audit_revision_history.major_revision 
_pdbx_audit_revision_history.minor_revision 
_pdbx_audit_revision_history.revision_date 
1 'Structure model' 1 0 2003-10-21 
2 'Structure model' 1 1 2008-04-29 
3 'Structure model' 1 2 2011-07-13 
4 'Structure model' 1 3 2024-02-14 
5 'Structure model' 1 4 2024-04-03 
# 
_pdbx_audit_revision_details.ordinal             1 
_pdbx_audit_revision_details.revision_ordinal    1 
_pdbx_audit_revision_details.data_content_type   'Structure model' 
_pdbx_audit_revision_details.provider            repository 
_pdbx_audit_revision_details.type                'Initial release' 
_pdbx_audit_revision_details.description         ? 
_pdbx_audit_revision_details.details             ? 
# 
loop_
_pdbx_audit_revision_group.ordinal 
_pdbx_audit_revision_group.revision_ordinal 
_pdbx_audit_revision_group.data_content_type 
_pdbx_audit_revision_group.group 
1 2 'Structure model' 'Version format compliance' 
2 3 'Structure model' 'Version format compliance' 
3 4 'Structure model' 'Data collection'           
4 4 'Structure model' 'Database references'       
5 4 'Structure model' 'Derived calculations'      
6 5 'Structure model' 'Refinement description'    
# 
loop_
_pdbx_audit_revision_category.ordinal 
_pdbx_audit_revision_category.revision_ordinal 
_pdbx_audit_revision_category.data_content_type 
_pdbx_audit_revision_category.category 
1 4 'Structure model' chem_comp_atom                
2 4 'Structure model' chem_comp_bond                
3 4 'Structure model' database_2                    
4 4 'Structure model' diffrn_source                 
5 4 'Structure model' pdbx_struct_conn_angle        
6 4 'Structure model' struct_conn                   
7 4 'Structure model' struct_site                   
8 5 'Structure model' pdbx_initial_refinement_model 
# 
loop_
_pdbx_audit_revision_item.ordinal 
_pdbx_audit_revision_item.revision_ordinal 
_pdbx_audit_revision_item.data_content_type 
_pdbx_audit_revision_item.item 
1  4 'Structure model' '_database_2.pdbx_DOI'                      
2  4 'Structure model' '_database_2.pdbx_database_accession'       
3  4 'Structure model' '_diffrn_source.pdbx_synchrotron_site'      
4  4 'Structure model' '_pdbx_struct_conn_angle.ptnr1_auth_seq_id' 
5  4 'Structure model' '_pdbx_struct_conn_angle.ptnr1_symmetry'    
6  4 'Structure model' '_pdbx_struct_conn_angle.ptnr3_auth_seq_id' 
7  4 'Structure model' '_pdbx_struct_conn_angle.ptnr3_symmetry'    
8  4 'Structure model' '_pdbx_struct_conn_angle.value'             
9  4 'Structure model' '_struct_conn.pdbx_dist_value'              
10 4 'Structure model' '_struct_conn.ptnr2_auth_seq_id'            
11 4 'Structure model' '_struct_conn.ptnr2_symmetry'               
12 4 'Structure model' '_struct_site.pdbx_auth_asym_id'            
13 4 'Structure model' '_struct_site.pdbx_auth_comp_id'            
14 4 'Structure model' '_struct_site.pdbx_auth_seq_id'             
# 
_pdbx_database_status.status_code                     REL 
_pdbx_database_status.entry_id                        1QYL 
_pdbx_database_status.recvd_initial_deposition_date   2003-09-11 
_pdbx_database_status.deposit_site                    RCSB 
_pdbx_database_status.process_site                    RCSB 
_pdbx_database_status.status_code_sf                  REL 
_pdbx_database_status.SG_entry                        . 
_pdbx_database_status.status_code_mr                  ? 
_pdbx_database_status.status_code_cs                  ? 
_pdbx_database_status.methods_development_category    ? 
_pdbx_database_status.pdb_format_compatible           Y 
_pdbx_database_status.status_code_nmr_data            ? 
# 
loop_
_pdbx_database_related.db_name 
_pdbx_database_related.db_id 
_pdbx_database_related.details 
_pdbx_database_related.content_type 
PDB 1QYK 'GCATGCT + Barium' unspecified 
PDB 1QZL 'GCATGCT + Cobalt' unspecified 
PDB 1R2O 'GCATGCT + Ni2+'   unspecified 
# 
loop_
_audit_author.name 
_audit_author.pdbx_ordinal 
'Cardin, C.J.'     1 
'Gan, Y.'          2 
'Thorpe, J.H.'     3 
'Teixeira, S.C.M.' 4 
'Gale, B.C.'       5 
'Moraes, M.I.A.'   6 
# 
_citation.id                        primary 
_citation.title                     'Metal Ion Distribution and Stabilisation of the DNA Quadruplex Structure Formed by d(GCATGCT)' 
_citation.journal_abbrev            'To be Published' 
_citation.journal_volume            ? 
_citation.page_first                ? 
_citation.page_last                 ? 
_citation.year                      ? 
_citation.journal_id_ASTM           ? 
_citation.country                   ? 
_citation.journal_id_ISSN           ? 
_citation.journal_id_CSD            0353 
_citation.book_publisher            ? 
_citation.pdbx_database_id_PubMed   ? 
_citation.pdbx_database_id_DOI      ? 
# 
loop_
_citation_author.citation_id 
_citation_author.name 
_citation_author.ordinal 
_citation_author.identifier_ORCID 
primary 'Cardin, C.J.'     1 ? 
primary 'GAN, Y.'          2 ? 
primary 'Thorpe, J.H.'     3 ? 
primary 'Teixeira, S.C.M.' 4 ? 
primary 'Gale, B.C.'       5 ? 
primary 'Moraes, M.I.A.'   6 ? 
# 
loop_
_entity.id 
_entity.type 
_entity.src_method 
_entity.pdbx_description 
_entity.formula_weight 
_entity.pdbx_number_of_molecules 
_entity.pdbx_ec 
_entity.pdbx_mutation 
_entity.pdbx_fragment 
_entity.details 
1 polymer     syn "5'-D(*GP*CP*AP*TP*GP*CP*T)-3'" 2113.410 1  ? ? ? ? 
2 non-polymer syn 'VANADIUM ION'                  50.941   1  ? ? ? ? 
3 water       nat water                           18.015   45 ? ? ? ? 
# 
_entity_poly.entity_id                      1 
_entity_poly.type                           polydeoxyribonucleotide 
_entity_poly.nstd_linkage                   no 
_entity_poly.nstd_monomer                   no 
_entity_poly.pdbx_seq_one_letter_code       '(DG)(DC)(DA)(DT)(DG)(DC)(DT)' 
_entity_poly.pdbx_seq_one_letter_code_can   GCATGCT 
_entity_poly.pdbx_strand_id                 A 
_entity_poly.pdbx_target_identifier         ? 
# 
loop_
_pdbx_entity_nonpoly.entity_id 
_pdbx_entity_nonpoly.name 
_pdbx_entity_nonpoly.comp_id 
2 'VANADIUM ION' V   
3 water          HOH 
# 
loop_
_entity_poly_seq.entity_id 
_entity_poly_seq.num 
_entity_poly_seq.mon_id 
_entity_poly_seq.hetero 
1 1 DG n 
1 2 DC n 
1 3 DA n 
1 4 DT n 
1 5 DG n 
1 6 DC n 
1 7 DT n 
# 
loop_
_chem_comp.id 
_chem_comp.type 
_chem_comp.mon_nstd_flag 
_chem_comp.name 
_chem_comp.pdbx_synonyms 
_chem_comp.formula 
_chem_comp.formula_weight 
DA  'DNA linking' y "2'-DEOXYADENOSINE-5'-MONOPHOSPHATE" ? 'C10 H14 N5 O6 P' 331.222 
DC  'DNA linking' y "2'-DEOXYCYTIDINE-5'-MONOPHOSPHATE"  ? 'C9 H14 N3 O7 P'  307.197 
DG  'DNA linking' y "2'-DEOXYGUANOSINE-5'-MONOPHOSPHATE" ? 'C10 H14 N5 O7 P' 347.221 
DT  'DNA linking' y "THYMIDINE-5'-MONOPHOSPHATE"         ? 'C10 H15 N2 O8 P' 322.208 
HOH non-polymer   . WATER                                ? 'H2 O'            18.015  
V   non-polymer   . 'VANADIUM ION'                       ? 'V 3'             50.941  
# 
loop_
_pdbx_poly_seq_scheme.asym_id 
_pdbx_poly_seq_scheme.entity_id 
_pdbx_poly_seq_scheme.seq_id 
_pdbx_poly_seq_scheme.mon_id 
_pdbx_poly_seq_scheme.ndb_seq_num 
_pdbx_poly_seq_scheme.pdb_seq_num 
_pdbx_poly_seq_scheme.auth_seq_num 
_pdbx_poly_seq_scheme.pdb_mon_id 
_pdbx_poly_seq_scheme.auth_mon_id 
_pdbx_poly_seq_scheme.pdb_strand_id 
_pdbx_poly_seq_scheme.pdb_ins_code 
_pdbx_poly_seq_scheme.hetero 
A 1 1 DG 1 1 1 DG G A . n 
A 1 2 DC 2 2 2 DC C A . n 
A 1 3 DA 3 3 3 DA A A . n 
A 1 4 DT 4 4 4 DT T A . n 
A 1 5 DG 5 5 5 DG G A . n 
A 1 6 DC 6 6 6 DC C A . n 
A 1 7 DT 7 7 7 DT T A . n 
# 
loop_
_pdbx_nonpoly_scheme.asym_id 
_pdbx_nonpoly_scheme.entity_id 
_pdbx_nonpoly_scheme.mon_id 
_pdbx_nonpoly_scheme.ndb_seq_num 
_pdbx_nonpoly_scheme.pdb_seq_num 
_pdbx_nonpoly_scheme.auth_seq_num 
_pdbx_nonpoly_scheme.pdb_mon_id 
_pdbx_nonpoly_scheme.auth_mon_id 
_pdbx_nonpoly_scheme.pdb_strand_id 
_pdbx_nonpoly_scheme.pdb_ins_code 
B 2 V   1  8   1   V   V   A . 
C 3 HOH 1  100 100 HOH HOH A . 
C 3 HOH 2  101 101 HOH HOH A . 
C 3 HOH 3  102 102 HOH HOH A . 
C 3 HOH 4  103 103 HOH HOH A . 
C 3 HOH 5  104 104 HOH HOH A . 
C 3 HOH 6  105 105 HOH HOH A . 
C 3 HOH 7  106 106 HOH HOH A . 
C 3 HOH 8  107 107 HOH HOH A . 
C 3 HOH 9  108 108 HOH HOH A . 
C 3 HOH 10 109 109 HOH HOH A . 
C 3 HOH 11 110 110 HOH HOH A . 
C 3 HOH 12 111 111 HOH HOH A . 
C 3 HOH 13 112 112 HOH HOH A . 
C 3 HOH 14 113 113 HOH HOH A . 
C 3 HOH 15 114 114 HOH HOH A . 
C 3 HOH 16 115 115 HOH HOH A . 
C 3 HOH 17 116 116 HOH HOH A . 
C 3 HOH 18 117 117 HOH HOH A . 
C 3 HOH 19 118 118 HOH HOH A . 
C 3 HOH 20 119 119 HOH HOH A . 
C 3 HOH 21 120 120 HOH HOH A . 
C 3 HOH 22 121 121 HOH HOH A . 
C 3 HOH 23 122 122 HOH HOH A . 
C 3 HOH 24 123 123 HOH HOH A . 
C 3 HOH 25 124 124 HOH HOH A . 
C 3 HOH 26 125 125 HOH HOH A . 
C 3 HOH 27 126 126 HOH HOH A . 
C 3 HOH 28 127 127 HOH HOH A . 
C 3 HOH 29 128 128 HOH HOH A . 
C 3 HOH 30 129 129 HOH HOH A . 
C 3 HOH 31 130 130 HOH HOH A . 
C 3 HOH 32 131 131 HOH HOH A . 
C 3 HOH 33 132 132 HOH HOH A . 
C 3 HOH 34 133 133 HOH HOH A . 
C 3 HOH 35 134 134 HOH HOH A . 
C 3 HOH 36 135 135 HOH HOH A . 
C 3 HOH 37 136 136 HOH HOH A . 
C 3 HOH 38 137 137 HOH HOH A . 
C 3 HOH 39 138 138 HOH HOH A . 
C 3 HOH 40 139 139 HOH HOH A . 
C 3 HOH 41 140 140 HOH HOH A . 
C 3 HOH 42 141 141 HOH HOH A . 
C 3 HOH 43 142 142 HOH HOH A . 
C 3 HOH 44 143 143 HOH HOH A . 
C 3 HOH 45 144 144 HOH HOH A . 
# 
loop_
_software.name 
_software.classification 
_software.version 
_software.citation_id 
_software.pdbx_ordinal 
SHELX     'model building' . ? 1 
SHELXL-97 refinement       . ? 2 
XDS       'data reduction' . ? 3 
XDS       'data scaling'   . ? 4 
XTALVIEW  refinement       . ? 5 
# 
_cell.entry_id           1QYL 
_cell.length_a           22.532 
_cell.length_b           58.469 
_cell.length_c           24.148 
_cell.angle_alpha        90.00 
_cell.angle_beta         90.00 
_cell.angle_gamma        90.00 
_cell.Z_PDB              8 
_cell.pdbx_unique_axis   ? 
_cell.length_a_esd       ? 
_cell.length_b_esd       ? 
_cell.length_c_esd       ? 
_cell.angle_alpha_esd    ? 
_cell.angle_beta_esd     ? 
_cell.angle_gamma_esd    ? 
# 
_symmetry.entry_id                         1QYL 
_symmetry.space_group_name_H-M             'C 2 2 2' 
_symmetry.pdbx_full_space_group_name_H-M   ? 
_symmetry.cell_setting                     ? 
_symmetry.Int_Tables_number                21 
_symmetry.space_group_name_Hall            ? 
# 
_exptl.entry_id          1QYL 
_exptl.method            'X-RAY DIFFRACTION' 
_exptl.crystals_number   1 
# 
_exptl_crystal.id                    1 
_exptl_crystal.density_meas          ? 
_exptl_crystal.density_Matthews      1.81 
_exptl_crystal.density_percent_sol   32.16 
_exptl_crystal.description           ? 
_exptl_crystal.F_000                 ? 
_exptl_crystal.preparation           ? 
# 
_exptl_crystal_grow.crystal_id      1 
_exptl_crystal_grow.method          'VAPOR DIFFUSION, SITTING DROP' 
_exptl_crystal_grow.temp            290 
_exptl_crystal_grow.temp_details    ? 
_exptl_crystal_grow.pH              5.7 
_exptl_crystal_grow.pdbx_details    
'NaCacodylate, Vanadium Chloride, Sodium Chloride, MPD, pH 5.7, VAPOR DIFFUSION, SITTING DROP, temperature 290K' 
_exptl_crystal_grow.pdbx_pH_range   . 
# 
loop_
_exptl_crystal_grow_comp.crystal_id 
_exptl_crystal_grow_comp.id 
_exptl_crystal_grow_comp.sol_id 
_exptl_crystal_grow_comp.name 
_exptl_crystal_grow_comp.volume 
_exptl_crystal_grow_comp.conc 
_exptl_crystal_grow_comp.details 
1 1 1 NaCacodylate        ? ? ? 
1 2 1 'Vanadium Chloride' ? ? ? 
1 3 1 'Sodium Chloride'   ? ? ? 
1 4 1 MPD                 ? ? ? 
1 5 1 H2O                 ? ? ? 
1 6 2 NaCacodylate        ? ? ? 
1 7 2 'Vanadium Chloride' ? ? ? 
1 8 2 MPD                 ? ? ? 
1 9 2 H2O                 ? ? ? 
# 
_diffrn.id                     1 
_diffrn.ambient_temp           100 
_diffrn.ambient_temp_details   ? 
_diffrn.crystal_id             1 
# 
_diffrn_detector.diffrn_id              1 
_diffrn_detector.detector               'IMAGE PLATE' 
_diffrn_detector.type                   MARRESEARCH 
_diffrn_detector.pdbx_collection_date   2003-08-19 
_diffrn_detector.details                ? 
# 
_diffrn_radiation.diffrn_id                        1 
_diffrn_radiation.wavelength_id                    1 
_diffrn_radiation.pdbx_monochromatic_or_laue_m_l   M 
_diffrn_radiation.monochromator                    ? 
_diffrn_radiation.pdbx_diffrn_protocol             'SINGLE WAVELENGTH' 
_diffrn_radiation.pdbx_scattering_type             x-ray 
# 
_diffrn_radiation_wavelength.id           1 
_diffrn_radiation_wavelength.wavelength   0.8416 
_diffrn_radiation_wavelength.wt           1.0 
# 
_diffrn_source.diffrn_id                   1 
_diffrn_source.source                      SYNCHROTRON 
_diffrn_source.type                        'EMBL/DESY, HAMBURG BEAMLINE BW7B' 
_diffrn_source.pdbx_synchrotron_site       'EMBL/DESY, HAMBURG' 
_diffrn_source.pdbx_synchrotron_beamline   BW7B 
_diffrn_source.pdbx_wavelength             ? 
_diffrn_source.pdbx_wavelength_list        0.8416 
# 
_reflns.entry_id                     1QYL 
_reflns.observed_criterion_sigma_I   0 
_reflns.observed_criterion_sigma_F   0 
_reflns.d_resolution_low             5.8 
_reflns.d_resolution_high            1.0 
_reflns.number_obs                   8848 
_reflns.number_all                   ? 
_reflns.percent_possible_obs         98.4 
_reflns.pdbx_Rmerge_I_obs            0.095 
_reflns.pdbx_Rsym_value              ? 
_reflns.pdbx_netI_over_sigmaI        20.1 
_reflns.B_iso_Wilson_estimate        ? 
_reflns.pdbx_redundancy              ? 
_reflns.R_free_details               ? 
_reflns.pdbx_chi_squared             ? 
_reflns.pdbx_scaling_rejects         ? 
_reflns.pdbx_ordinal                 1 
_reflns.pdbx_diffrn_id               1 
# 
_reflns_shell.d_res_high             1.00 
_reflns_shell.d_res_low              1.20 
_reflns_shell.percent_possible_all   100 
_reflns_shell.Rmerge_I_obs           0.147 
_reflns_shell.pdbx_Rsym_value        ? 
_reflns_shell.meanI_over_sigI_obs    12.63 
_reflns_shell.pdbx_redundancy        ? 
_reflns_shell.percent_possible_obs   ? 
_reflns_shell.number_unique_all      3718 
_reflns_shell.number_measured_all    ? 
_reflns_shell.number_measured_obs    ? 
_reflns_shell.number_unique_obs      ? 
_reflns_shell.pdbx_chi_squared       ? 
_reflns_shell.pdbx_ordinal           1 
_reflns_shell.pdbx_diffrn_id         1 
# 
_refine.entry_id                                 1QYL 
_refine.ls_number_reflns_obs                     8406 
_refine.ls_number_reflns_all                     ? 
_refine.pdbx_ls_sigma_I                          ? 
_refine.pdbx_ls_sigma_F                          0.0 
_refine.pdbx_data_cutoff_high_absF               ? 
_refine.pdbx_data_cutoff_low_absF                ? 
_refine.pdbx_data_cutoff_high_rms_absF           ? 
_refine.ls_d_res_low                             5.80 
_refine.ls_d_res_high                            1.00 
_refine.ls_percent_reflns_obs                    98.4 
_refine.ls_R_factor_obs                          0.1493 
_refine.ls_R_factor_all                          ? 
_refine.ls_R_factor_R_work                       0.1493 
_refine.ls_R_factor_R_free                       0.1838 
_refine.ls_R_factor_R_free_error                 ? 
_refine.ls_R_factor_R_free_error_details         ? 
_refine.ls_percent_reflns_R_free                 3.7 
_refine.ls_number_reflns_R_free                  311 
_refine.ls_number_parameters                     1655 
_refine.ls_number_restraints                     1425 
_refine.occupancy_min                            ? 
_refine.occupancy_max                            ? 
_refine.correlation_coeff_Fo_to_Fc               ? 
_refine.correlation_coeff_Fo_to_Fc_free          ? 
_refine.B_iso_mean                               ? 
_refine.aniso_B[1][1]                            ? 
_refine.aniso_B[2][2]                            ? 
_refine.aniso_B[3][3]                            ? 
_refine.aniso_B[1][2]                            ? 
_refine.aniso_B[1][3]                            ? 
_refine.aniso_B[2][3]                            ? 
_refine.solvent_model_details                    ? 
_refine.solvent_model_param_ksol                 ? 
_refine.solvent_model_param_bsol                 ? 
_refine.pdbx_solvent_vdw_probe_radii             ? 
_refine.pdbx_solvent_ion_probe_radii             ? 
_refine.pdbx_solvent_shrinkage_radii             ? 
_refine.pdbx_ls_cross_valid_method               'FREE R' 
_refine.details                                  'ANISOTROPIC REFINEMENT REDUCED FREE R (NO CUTOFF)' 
_refine.pdbx_starting_model                      'NDB entry udg028' 
_refine.pdbx_method_to_determine_struct          'AB INITIO' 
_refine.pdbx_isotropic_thermal_model             ? 
_refine.pdbx_stereochemistry_target_values       'ENGH AND HUBER' 
_refine.pdbx_stereochem_target_val_spec_case     ? 
_refine.pdbx_R_Free_selection_details            RANDOM 
_refine.pdbx_overall_ESU_R                       ? 
_refine.pdbx_overall_ESU_R_Free                  ? 
_refine.overall_SU_ML                            ? 
_refine.overall_SU_B                             ? 
_refine.ls_redundancy_reflns_obs                 ? 
_refine.overall_SU_R_Cruickshank_DPI             ? 
_refine.overall_SU_R_free                        ? 
_refine.pdbx_refine_id                           'X-RAY DIFFRACTION' 
_refine.pdbx_overall_phase_error                 ? 
_refine.ls_wR_factor_R_free                      ? 
_refine.ls_wR_factor_R_work                      ? 
_refine.overall_FOM_free_R_set                   ? 
_refine.overall_FOM_work_R_set                   ? 
_refine.pdbx_diffrn_id                           1 
_refine.pdbx_TLS_residual_ADP_flag               ? 
_refine.pdbx_overall_SU_R_free_Cruickshank_DPI   ? 
_refine.pdbx_overall_SU_R_Blow_DPI               ? 
_refine.pdbx_overall_SU_R_free_Blow_DPI          ? 
# 
_refine_analyze.entry_id                        1QYL 
_refine_analyze.Luzzati_coordinate_error_obs    ? 
_refine_analyze.Luzzati_sigma_a_obs             ? 
_refine_analyze.Luzzati_d_res_low_obs           ? 
_refine_analyze.Luzzati_coordinate_error_free   ? 
_refine_analyze.Luzzati_sigma_a_free            ? 
_refine_analyze.Luzzati_d_res_low_free          ? 
_refine_analyze.number_disordered_residues      0 
_refine_analyze.occupancy_sum_hydrogen          0.00 
_refine_analyze.occupancy_sum_non_hydrogen      180.50 
_refine_analyze.pdbx_refine_id                  'X-RAY DIFFRACTION' 
# 
_refine_hist.pdbx_refine_id                   'X-RAY DIFFRACTION' 
_refine_hist.cycle_id                         LAST 
_refine_hist.pdbx_number_atoms_protein        0 
_refine_hist.pdbx_number_atoms_nucleic_acid   140 
_refine_hist.pdbx_number_atoms_ligand         1 
_refine_hist.number_atoms_solvent             45 
_refine_hist.number_atoms_total               186 
_refine_hist.d_res_high                       1.00 
_refine_hist.d_res_low                        5.80 
# 
loop_
_refine_ls_restr.type 
_refine_ls_restr.dev_ideal 
_refine_ls_restr.dev_ideal_target 
_refine_ls_restr.weight 
_refine_ls_restr.number 
_refine_ls_restr.pdbx_refine_id 
_refine_ls_restr.pdbx_restraint_function 
s_bond_d               0.023  ? ? ? 'X-RAY DIFFRACTION' ? 
s_angle_d              0.042  ? ? ? 'X-RAY DIFFRACTION' ? 
s_similar_dist         0.000  ? ? ? 'X-RAY DIFFRACTION' ? 
s_from_restr_planes    0.0036 ? ? ? 'X-RAY DIFFRACTION' ? 
s_zero_chiral_vol      0.000  ? ? ? 'X-RAY DIFFRACTION' ? 
s_non_zero_chiral_vol  0.000  ? ? ? 'X-RAY DIFFRACTION' ? 
s_anti_bump_dis_restr  0.013  ? ? ? 'X-RAY DIFFRACTION' ? 
s_rigid_bond_adp_cmpnt 0.000  ? ? ? 'X-RAY DIFFRACTION' ? 
s_similar_adp_cmpnt    0.033  ? ? ? 'X-RAY DIFFRACTION' ? 
s_approx_iso_adps      0.000  ? ? ? 'X-RAY DIFFRACTION' ? 
# 
_pdbx_refine.entry_id                                    1QYL 
_pdbx_refine.R_factor_all_no_cutoff                      0.1493 
_pdbx_refine.R_factor_obs_no_cutoff                      ? 
_pdbx_refine.free_R_factor_no_cutoff                     0.1838 
_pdbx_refine.free_R_val_test_set_size_perc_no_cutoff     3.7 
_pdbx_refine.free_R_val_test_set_ct_no_cutoff            311 
_pdbx_refine.R_factor_all_4sig_cutoff                    0.1488 
_pdbx_refine.R_factor_obs_4sig_cutoff                    ? 
_pdbx_refine.free_R_factor_4sig_cutoff                   0.1814 
_pdbx_refine.free_R_val_test_set_size_perc_4sig_cutoff   3.2 
_pdbx_refine.free_R_val_test_set_ct_4sig_cutoff          266 
_pdbx_refine.number_reflns_obs_4sig_cutoff               8224 
_pdbx_refine.number_reflns_obs_no_cutoff                 ? 
_pdbx_refine.pdbx_refine_id                              'X-RAY DIFFRACTION' 
_pdbx_refine.free_R_error_no_cutoff                      ? 
# 
_struct.entry_id                  1QYL 
_struct.title                     'GCATGCT + Vanadium' 
_struct.pdbx_model_details        ? 
_struct.pdbx_CASP_flag            ? 
_struct.pdbx_model_type_details   ? 
# 
_struct_keywords.entry_id        1QYL 
_struct_keywords.pdbx_keywords   DNA 
_struct_keywords.text            'Quadruplex DNA, DNA' 
# 
loop_
_struct_asym.id 
_struct_asym.pdbx_blank_PDB_chainid_flag 
_struct_asym.pdbx_modified 
_struct_asym.entity_id 
_struct_asym.details 
A N N 1 ? 
B N N 2 ? 
C N N 3 ? 
# 
_struct_ref.id                         1 
_struct_ref.entity_id                  1 
_struct_ref.db_name                    PDB 
_struct_ref.db_code                    1QYL 
_struct_ref.pdbx_db_accession          1QYL 
_struct_ref.pdbx_align_begin           ? 
_struct_ref.pdbx_seq_one_letter_code   ? 
_struct_ref.pdbx_db_isoform            ? 
# 
_struct_ref_seq.align_id                      1 
_struct_ref_seq.ref_id                        1 
_struct_ref_seq.pdbx_PDB_id_code              1QYL 
_struct_ref_seq.pdbx_strand_id                A 
_struct_ref_seq.seq_align_beg                 1 
_struct_ref_seq.pdbx_seq_align_beg_ins_code   ? 
_struct_ref_seq.seq_align_end                 7 
_struct_ref_seq.pdbx_seq_align_end_ins_code   ? 
_struct_ref_seq.pdbx_db_accession             1QYL 
_struct_ref_seq.db_align_beg                  1 
_struct_ref_seq.pdbx_db_align_beg_ins_code    ? 
_struct_ref_seq.db_align_end                  7 
_struct_ref_seq.pdbx_db_align_end_ins_code    ? 
_struct_ref_seq.pdbx_auth_seq_align_beg       1 
_struct_ref_seq.pdbx_auth_seq_align_end       7 
# 
_pdbx_struct_assembly.id                   1 
_pdbx_struct_assembly.details              author_defined_assembly 
_pdbx_struct_assembly.method_details       ? 
_pdbx_struct_assembly.oligomeric_details   tetrameric 
_pdbx_struct_assembly.oligomeric_count     4 
# 
_pdbx_struct_assembly_gen.assembly_id       1 
_pdbx_struct_assembly_gen.oper_expression   1,2,3,4 
_pdbx_struct_assembly_gen.asym_id_list      A,B,C 
# 
loop_
_pdbx_struct_oper_list.id 
_pdbx_struct_oper_list.type 
_pdbx_struct_oper_list.name 
_pdbx_struct_oper_list.symmetry_operation 
_pdbx_struct_oper_list.matrix[1][1] 
_pdbx_struct_oper_list.matrix[1][2] 
_pdbx_struct_oper_list.matrix[1][3] 
_pdbx_struct_oper_list.vector[1] 
_pdbx_struct_oper_list.matrix[2][1] 
_pdbx_struct_oper_list.matrix[2][2] 
_pdbx_struct_oper_list.matrix[2][3] 
_pdbx_struct_oper_list.vector[2] 
_pdbx_struct_oper_list.matrix[3][1] 
_pdbx_struct_oper_list.matrix[3][2] 
_pdbx_struct_oper_list.matrix[3][3] 
_pdbx_struct_oper_list.vector[3] 
1 'identity operation'         1_555 x,y,z     1.0000000000  0.0000000000  0.0000000000  0.0000000000  0.0000000000  1.0000000000  0.0000000000  0.0000000000  0.0000000000  0.0000000000  1.0000000000  0.0000000000   
2 'crystal symmetry operation' 2_655 -x+1,-y,z 0.4081732248  0.7138020195  -0.5691056980 -6.0683044050 0.7138020195  -0.6381742572 -0.2884792790 2.9355220886  -0.5691056980 -0.2884792790 -0.7699989676 -11.3332939909 
3 'crystal symmetry operation' 3_655 -x+1,y,-z -0.4313293942 -0.5543663250 0.7117815194  8.7421036435  -0.5543663250 -0.4595781473 -0.6938774417 0.7040987175  0.7117815194  -0.6938774417 -0.1090924585 -6.4360321694  
4 'crystal symmetry operation' 4_555 x,-y,-z   -0.9768438306 -0.1594356945 -0.1426758214 1.6653578973  -0.1594356945 0.0977524045  0.9823567207  10.5829775677 -0.1426758214 0.9823567207  -0.1209085740 -11.5558547519 
# 
_struct_biol.id                    1 
_struct_biol.pdbx_parent_biol_id   ? 
_struct_biol.details               ? 
# 
loop_
_struct_conn.id 
_struct_conn.conn_type_id 
_struct_conn.pdbx_leaving_atom_flag 
_struct_conn.pdbx_PDB_id 
_struct_conn.ptnr1_label_asym_id 
_struct_conn.ptnr1_label_comp_id 
_struct_conn.ptnr1_label_seq_id 
_struct_conn.ptnr1_label_atom_id 
_struct_conn.pdbx_ptnr1_label_alt_id 
_struct_conn.pdbx_ptnr1_PDB_ins_code 
_struct_conn.pdbx_ptnr1_standard_comp_id 
_struct_conn.ptnr1_symmetry 
_struct_conn.ptnr2_label_asym_id 
_struct_conn.ptnr2_label_comp_id 
_struct_conn.ptnr2_label_seq_id 
_struct_conn.ptnr2_label_atom_id 
_struct_conn.pdbx_ptnr2_label_alt_id 
_struct_conn.pdbx_ptnr2_PDB_ins_code 
_struct_conn.ptnr1_auth_asym_id 
_struct_conn.ptnr1_auth_comp_id 
_struct_conn.ptnr1_auth_seq_id 
_struct_conn.ptnr2_auth_asym_id 
_struct_conn.ptnr2_auth_comp_id 
_struct_conn.ptnr2_auth_seq_id 
_struct_conn.ptnr2_symmetry 
_struct_conn.pdbx_ptnr3_label_atom_id 
_struct_conn.pdbx_ptnr3_label_seq_id 
_struct_conn.pdbx_ptnr3_label_comp_id 
_struct_conn.pdbx_ptnr3_label_asym_id 
_struct_conn.pdbx_ptnr3_label_alt_id 
_struct_conn.pdbx_ptnr3_PDB_ins_code 
_struct_conn.details 
_struct_conn.pdbx_dist_value 
_struct_conn.pdbx_value_order 
_struct_conn.pdbx_role 
metalc1  metalc ? ? B V  . V  ? ? ? 1_555 C HOH . O  ? ? A V  8 A HOH 103 1_555 ? ? ? ? ? ? ?            2.226 ? ? 
metalc2  metalc ? ? B V  . V  ? ? ? 1_555 C HOH . O  ? ? A V  8 A HOH 103 3_555 ? ? ? ? ? ? ?            2.226 ? ? 
metalc3  metalc ? ? B V  . V  ? ? ? 1_555 C HOH . O  ? ? A V  8 A HOH 103 4_555 ? ? ? ? ? ? ?            2.226 ? ? 
metalc4  metalc ? ? B V  . V  ? ? ? 1_555 C HOH . O  ? ? A V  8 A HOH 103 2_555 ? ? ? ? ? ? ?            2.226 ? ? 
metalc5  metalc ? ? B V  . V  ? ? ? 1_555 C HOH . O  ? ? A V  8 A HOH 108 1_555 ? ? ? ? ? ? ?            2.100 ? ? 
metalc6  metalc ? ? B V  . V  ? ? ? 1_555 C HOH . O  ? ? A V  8 A HOH 108 3_555 ? ? ? ? ? ? ?            2.100 ? ? 
metalc7  metalc ? ? B V  . V  ? ? ? 1_555 C HOH . O  ? ? A V  8 A HOH 108 4_555 ? ? ? ? ? ? ?            2.100 ? ? 
metalc8  metalc ? ? B V  . V  ? ? ? 1_555 C HOH . O  ? ? A V  8 A HOH 108 2_555 ? ? ? ? ? ? ?            2.100 ? ? 
metalc9  metalc ? ? B V  . V  ? ? ? 1_555 C HOH . O  ? ? A V  8 A HOH 124 1_555 ? ? ? ? ? ? ?            2.115 ? ? 
metalc10 metalc ? ? B V  . V  ? ? ? 1_555 C HOH . O  ? ? A V  8 A HOH 124 2_555 ? ? ? ? ? ? ?            2.115 ? ? 
metalc11 metalc ? ? B V  . V  ? ? ? 1_555 C HOH . O  ? ? A V  8 A HOH 124 3_555 ? ? ? ? ? ? ?            2.115 ? ? 
metalc12 metalc ? ? B V  . V  ? ? ? 1_555 C HOH . O  ? ? A V  8 A HOH 124 4_555 ? ? ? ? ? ? ?            2.115 ? ? 
hydrog1  hydrog ? ? A DG 1 N2 ? ? ? 1_555 A DC  6 O2 ? ? A DG 1 A DC  6   1_555 ? ? ? ? ? ? 'DG-DC PAIR' ?     ? ? 
hydrog2  hydrog ? ? A DC 2 O2 ? ? ? 1_555 A DG  5 N2 ? ? A DC 2 A DG  5   1_555 ? ? ? ? ? ? 'DC-DG PAIR' ?     ? ? 
# 
loop_
_struct_conn_type.id 
_struct_conn_type.criteria 
_struct_conn_type.reference 
metalc ? ? 
hydrog ? ? 
# 
loop_
_pdbx_struct_conn_angle.id 
_pdbx_struct_conn_angle.ptnr1_label_atom_id 
_pdbx_struct_conn_angle.ptnr1_label_alt_id 
_pdbx_struct_conn_angle.ptnr1_label_asym_id 
_pdbx_struct_conn_angle.ptnr1_label_comp_id 
_pdbx_struct_conn_angle.ptnr1_label_seq_id 
_pdbx_struct_conn_angle.ptnr1_auth_atom_id 
_pdbx_struct_conn_angle.ptnr1_auth_asym_id 
_pdbx_struct_conn_angle.ptnr1_auth_comp_id 
_pdbx_struct_conn_angle.ptnr1_auth_seq_id 
_pdbx_struct_conn_angle.ptnr1_PDB_ins_code 
_pdbx_struct_conn_angle.ptnr1_symmetry 
_pdbx_struct_conn_angle.ptnr2_label_atom_id 
_pdbx_struct_conn_angle.ptnr2_label_alt_id 
_pdbx_struct_conn_angle.ptnr2_label_asym_id 
_pdbx_struct_conn_angle.ptnr2_label_comp_id 
_pdbx_struct_conn_angle.ptnr2_label_seq_id 
_pdbx_struct_conn_angle.ptnr2_auth_atom_id 
_pdbx_struct_conn_angle.ptnr2_auth_asym_id 
_pdbx_struct_conn_angle.ptnr2_auth_comp_id 
_pdbx_struct_conn_angle.ptnr2_auth_seq_id 
_pdbx_struct_conn_angle.ptnr2_PDB_ins_code 
_pdbx_struct_conn_angle.ptnr2_symmetry 
_pdbx_struct_conn_angle.ptnr3_label_atom_id 
_pdbx_struct_conn_angle.ptnr3_label_alt_id 
_pdbx_struct_conn_angle.ptnr3_label_asym_id 
_pdbx_struct_conn_angle.ptnr3_label_comp_id 
_pdbx_struct_conn_angle.ptnr3_label_seq_id 
_pdbx_struct_conn_angle.ptnr3_auth_atom_id 
_pdbx_struct_conn_angle.ptnr3_auth_asym_id 
_pdbx_struct_conn_angle.ptnr3_auth_comp_id 
_pdbx_struct_conn_angle.ptnr3_auth_seq_id 
_pdbx_struct_conn_angle.ptnr3_PDB_ins_code 
_pdbx_struct_conn_angle.ptnr3_symmetry 
_pdbx_struct_conn_angle.value 
_pdbx_struct_conn_angle.value_esd 
1  O ? C HOH . ? A HOH 103 ? 1_555 V ? B V . ? A V 8 ? 1_555 O ? C HOH . ? A HOH 103 ? 3_555 180.0 ? 
2  O ? C HOH . ? A HOH 103 ? 1_555 V ? B V . ? A V 8 ? 1_555 O ? C HOH . ? A HOH 103 ? 4_555 180.0 ? 
3  O ? C HOH . ? A HOH 103 ? 3_555 V ? B V . ? A V 8 ? 1_555 O ? C HOH . ? A HOH 103 ? 4_555 0.0   ? 
4  O ? C HOH . ? A HOH 103 ? 1_555 V ? B V . ? A V 8 ? 1_555 O ? C HOH . ? A HOH 103 ? 2_555 0.0   ? 
5  O ? C HOH . ? A HOH 103 ? 3_555 V ? B V . ? A V 8 ? 1_555 O ? C HOH . ? A HOH 103 ? 2_555 180.0 ? 
6  O ? C HOH . ? A HOH 103 ? 4_555 V ? B V . ? A V 8 ? 1_555 O ? C HOH . ? A HOH 103 ? 2_555 180.0 ? 
7  O ? C HOH . ? A HOH 103 ? 1_555 V ? B V . ? A V 8 ? 1_555 O ? C HOH . ? A HOH 108 ? 1_555 75.5  ? 
8  O ? C HOH . ? A HOH 103 ? 3_555 V ? B V . ? A V 8 ? 1_555 O ? C HOH . ? A HOH 108 ? 1_555 104.5 ? 
9  O ? C HOH . ? A HOH 103 ? 4_555 V ? B V . ? A V 8 ? 1_555 O ? C HOH . ? A HOH 108 ? 1_555 104.5 ? 
10 O ? C HOH . ? A HOH 103 ? 2_555 V ? B V . ? A V 8 ? 1_555 O ? C HOH . ? A HOH 108 ? 1_555 75.5  ? 
11 O ? C HOH . ? A HOH 103 ? 1_555 V ? B V . ? A V 8 ? 1_555 O ? C HOH . ? A HOH 108 ? 3_555 104.5 ? 
12 O ? C HOH . ? A HOH 103 ? 3_555 V ? B V . ? A V 8 ? 1_555 O ? C HOH . ? A HOH 108 ? 3_555 75.5  ? 
13 O ? C HOH . ? A HOH 103 ? 4_555 V ? B V . ? A V 8 ? 1_555 O ? C HOH . ? A HOH 108 ? 3_555 75.5  ? 
14 O ? C HOH . ? A HOH 103 ? 2_555 V ? B V . ? A V 8 ? 1_555 O ? C HOH . ? A HOH 108 ? 3_555 104.5 ? 
15 O ? C HOH . ? A HOH 108 ? 1_555 V ? B V . ? A V 8 ? 1_555 O ? C HOH . ? A HOH 108 ? 3_555 29.5  ? 
16 O ? C HOH . ? A HOH 103 ? 1_555 V ? B V . ? A V 8 ? 1_555 O ? C HOH . ? A HOH 108 ? 4_555 104.5 ? 
17 O ? C HOH . ? A HOH 103 ? 3_555 V ? B V . ? A V 8 ? 1_555 O ? C HOH . ? A HOH 108 ? 4_555 75.5  ? 
18 O ? C HOH . ? A HOH 103 ? 4_555 V ? B V . ? A V 8 ? 1_555 O ? C HOH . ? A HOH 108 ? 4_555 75.5  ? 
19 O ? C HOH . ? A HOH 103 ? 2_555 V ? B V . ? A V 8 ? 1_555 O ? C HOH . ? A HOH 108 ? 4_555 104.5 ? 
20 O ? C HOH . ? A HOH 108 ? 1_555 V ? B V . ? A V 8 ? 1_555 O ? C HOH . ? A HOH 108 ? 4_555 174.3 ? 
21 O ? C HOH . ? A HOH 108 ? 3_555 V ? B V . ? A V 8 ? 1_555 O ? C HOH . ? A HOH 108 ? 4_555 151.1 ? 
22 O ? C HOH . ? A HOH 103 ? 1_555 V ? B V . ? A V 8 ? 1_555 O ? C HOH . ? A HOH 108 ? 2_555 75.5  ? 
23 O ? C HOH . ? A HOH 103 ? 3_555 V ? B V . ? A V 8 ? 1_555 O ? C HOH . ? A HOH 108 ? 2_555 104.5 ? 
24 O ? C HOH . ? A HOH 103 ? 4_555 V ? B V . ? A V 8 ? 1_555 O ? C HOH . ? A HOH 108 ? 2_555 104.5 ? 
25 O ? C HOH . ? A HOH 103 ? 2_555 V ? B V . ? A V 8 ? 1_555 O ? C HOH . ? A HOH 108 ? 2_555 75.5  ? 
26 O ? C HOH . ? A HOH 108 ? 1_555 V ? B V . ? A V 8 ? 1_555 O ? C HOH . ? A HOH 108 ? 2_555 151.1 ? 
27 O ? C HOH . ? A HOH 108 ? 3_555 V ? B V . ? A V 8 ? 1_555 O ? C HOH . ? A HOH 108 ? 2_555 174.3 ? 
28 O ? C HOH . ? A HOH 108 ? 4_555 V ? B V . ? A V 8 ? 1_555 O ? C HOH . ? A HOH 108 ? 2_555 29.5  ? 
29 O ? C HOH . ? A HOH 103 ? 1_555 V ? B V . ? A V 8 ? 1_555 O ? C HOH . ? A HOH 124 ? 1_555 90.0  ? 
30 O ? C HOH . ? A HOH 103 ? 3_555 V ? B V . ? A V 8 ? 1_555 O ? C HOH . ? A HOH 124 ? 1_555 90.0  ? 
31 O ? C HOH . ? A HOH 103 ? 4_555 V ? B V . ? A V 8 ? 1_555 O ? C HOH . ? A HOH 124 ? 1_555 90.0  ? 
32 O ? C HOH . ? A HOH 103 ? 2_555 V ? B V . ? A V 8 ? 1_555 O ? C HOH . ? A HOH 124 ? 1_555 90.0  ? 
33 O ? C HOH . ? A HOH 108 ? 1_555 V ? B V . ? A V 8 ? 1_555 O ? C HOH . ? A HOH 124 ? 1_555 87.1  ? 
34 O ? C HOH . ? A HOH 108 ? 3_555 V ? B V . ? A V 8 ? 1_555 O ? C HOH . ? A HOH 124 ? 1_555 92.9  ? 
35 O ? C HOH . ? A HOH 108 ? 4_555 V ? B V . ? A V 8 ? 1_555 O ? C HOH . ? A HOH 124 ? 1_555 87.1  ? 
36 O ? C HOH . ? A HOH 108 ? 2_555 V ? B V . ? A V 8 ? 1_555 O ? C HOH . ? A HOH 124 ? 1_555 92.9  ? 
37 O ? C HOH . ? A HOH 103 ? 1_555 V ? B V . ? A V 8 ? 1_555 O ? C HOH . ? A HOH 124 ? 2_555 90.0  ? 
38 O ? C HOH . ? A HOH 103 ? 3_555 V ? B V . ? A V 8 ? 1_555 O ? C HOH . ? A HOH 124 ? 2_555 90.0  ? 
39 O ? C HOH . ? A HOH 103 ? 4_555 V ? B V . ? A V 8 ? 1_555 O ? C HOH . ? A HOH 124 ? 2_555 90.0  ? 
40 O ? C HOH . ? A HOH 103 ? 2_555 V ? B V . ? A V 8 ? 1_555 O ? C HOH . ? A HOH 124 ? 2_555 90.0  ? 
41 O ? C HOH . ? A HOH 108 ? 1_555 V ? B V . ? A V 8 ? 1_555 O ? C HOH . ? A HOH 124 ? 2_555 92.9  ? 
42 O ? C HOH . ? A HOH 108 ? 3_555 V ? B V . ? A V 8 ? 1_555 O ? C HOH . ? A HOH 124 ? 2_555 87.1  ? 
43 O ? C HOH . ? A HOH 108 ? 4_555 V ? B V . ? A V 8 ? 1_555 O ? C HOH . ? A HOH 124 ? 2_555 92.9  ? 
44 O ? C HOH . ? A HOH 108 ? 2_555 V ? B V . ? A V 8 ? 1_555 O ? C HOH . ? A HOH 124 ? 2_555 87.1  ? 
45 O ? C HOH . ? A HOH 124 ? 1_555 V ? B V . ? A V 8 ? 1_555 O ? C HOH . ? A HOH 124 ? 2_555 180.0 ? 
46 O ? C HOH . ? A HOH 103 ? 1_555 V ? B V . ? A V 8 ? 1_555 O ? C HOH . ? A HOH 124 ? 3_555 90.0  ? 
47 O ? C HOH . ? A HOH 103 ? 3_555 V ? B V . ? A V 8 ? 1_555 O ? C HOH . ? A HOH 124 ? 3_555 90.0  ? 
48 O ? C HOH . ? A HOH 103 ? 4_555 V ? B V . ? A V 8 ? 1_555 O ? C HOH . ? A HOH 124 ? 3_555 90.0  ? 
49 O ? C HOH . ? A HOH 103 ? 2_555 V ? B V . ? A V 8 ? 1_555 O ? C HOH . ? A HOH 124 ? 3_555 90.0  ? 
50 O ? C HOH . ? A HOH 108 ? 1_555 V ? B V . ? A V 8 ? 1_555 O ? C HOH . ? A HOH 124 ? 3_555 92.9  ? 
51 O ? C HOH . ? A HOH 108 ? 3_555 V ? B V . ? A V 8 ? 1_555 O ? C HOH . ? A HOH 124 ? 3_555 87.1  ? 
52 O ? C HOH . ? A HOH 108 ? 4_555 V ? B V . ? A V 8 ? 1_555 O ? C HOH . ? A HOH 124 ? 3_555 92.9  ? 
53 O ? C HOH . ? A HOH 108 ? 2_555 V ? B V . ? A V 8 ? 1_555 O ? C HOH . ? A HOH 124 ? 3_555 87.1  ? 
54 O ? C HOH . ? A HOH 124 ? 1_555 V ? B V . ? A V 8 ? 1_555 O ? C HOH . ? A HOH 124 ? 3_555 180.0 ? 
55 O ? C HOH . ? A HOH 124 ? 2_555 V ? B V . ? A V 8 ? 1_555 O ? C HOH . ? A HOH 124 ? 3_555 0.0   ? 
56 O ? C HOH . ? A HOH 103 ? 1_555 V ? B V . ? A V 8 ? 1_555 O ? C HOH . ? A HOH 124 ? 4_555 90.0  ? 
57 O ? C HOH . ? A HOH 103 ? 3_555 V ? B V . ? A V 8 ? 1_555 O ? C HOH . ? A HOH 124 ? 4_555 90.0  ? 
58 O ? C HOH . ? A HOH 103 ? 4_555 V ? B V . ? A V 8 ? 1_555 O ? C HOH . ? A HOH 124 ? 4_555 90.0  ? 
59 O ? C HOH . ? A HOH 103 ? 2_555 V ? B V . ? A V 8 ? 1_555 O ? C HOH . ? A HOH 124 ? 4_555 90.0  ? 
60 O ? C HOH . ? A HOH 108 ? 1_555 V ? B V . ? A V 8 ? 1_555 O ? C HOH . ? A HOH 124 ? 4_555 87.1  ? 
61 O ? C HOH . ? A HOH 108 ? 3_555 V ? B V . ? A V 8 ? 1_555 O ? C HOH . ? A HOH 124 ? 4_555 92.9  ? 
62 O ? C HOH . ? A HOH 108 ? 4_555 V ? B V . ? A V 8 ? 1_555 O ? C HOH . ? A HOH 124 ? 4_555 87.1  ? 
63 O ? C HOH . ? A HOH 108 ? 2_555 V ? B V . ? A V 8 ? 1_555 O ? C HOH . ? A HOH 124 ? 4_555 92.9  ? 
64 O ? C HOH . ? A HOH 124 ? 1_555 V ? B V . ? A V 8 ? 1_555 O ? C HOH . ? A HOH 124 ? 4_555 0.0   ? 
65 O ? C HOH . ? A HOH 124 ? 2_555 V ? B V . ? A V 8 ? 1_555 O ? C HOH . ? A HOH 124 ? 4_555 180.0 ? 
66 O ? C HOH . ? A HOH 124 ? 3_555 V ? B V . ? A V 8 ? 1_555 O ? C HOH . ? A HOH 124 ? 4_555 180.0 ? 
# 
_struct_site.id                   AC1 
_struct_site.pdbx_evidence_code   Software 
_struct_site.pdbx_auth_asym_id    A 
_struct_site.pdbx_auth_comp_id    V 
_struct_site.pdbx_auth_seq_id     8 
_struct_site.pdbx_auth_ins_code   ? 
_struct_site.pdbx_num_residues    12 
_struct_site.details              'BINDING SITE FOR RESIDUE V A 8' 
# 
loop_
_struct_site_gen.id 
_struct_site_gen.site_id 
_struct_site_gen.pdbx_num_res 
_struct_site_gen.label_comp_id 
_struct_site_gen.label_asym_id 
_struct_site_gen.label_seq_id 
_struct_site_gen.pdbx_auth_ins_code 
_struct_site_gen.auth_comp_id 
_struct_site_gen.auth_asym_id 
_struct_site_gen.auth_seq_id 
_struct_site_gen.label_atom_id 
_struct_site_gen.label_alt_id 
_struct_site_gen.symmetry 
_struct_site_gen.details 
1  AC1 12 HOH C . ? HOH A 103 . ? 3_555 ? 
2  AC1 12 HOH C . ? HOH A 103 . ? 4_555 ? 
3  AC1 12 HOH C . ? HOH A 103 . ? 1_555 ? 
4  AC1 12 HOH C . ? HOH A 103 . ? 2_555 ? 
5  AC1 12 HOH C . ? HOH A 108 . ? 3_555 ? 
6  AC1 12 HOH C . ? HOH A 108 . ? 4_555 ? 
7  AC1 12 HOH C . ? HOH A 108 . ? 1_555 ? 
8  AC1 12 HOH C . ? HOH A 108 . ? 2_555 ? 
9  AC1 12 HOH C . ? HOH A 124 . ? 3_555 ? 
10 AC1 12 HOH C . ? HOH A 124 . ? 1_555 ? 
11 AC1 12 HOH C . ? HOH A 124 . ? 4_555 ? 
12 AC1 12 HOH C . ? HOH A 124 . ? 2_555 ? 
# 
loop_
_pdbx_validate_rmsd_bond.id 
_pdbx_validate_rmsd_bond.PDB_model_num 
_pdbx_validate_rmsd_bond.auth_atom_id_1 
_pdbx_validate_rmsd_bond.auth_asym_id_1 
_pdbx_validate_rmsd_bond.auth_comp_id_1 
_pdbx_validate_rmsd_bond.auth_seq_id_1 
_pdbx_validate_rmsd_bond.PDB_ins_code_1 
_pdbx_validate_rmsd_bond.label_alt_id_1 
_pdbx_validate_rmsd_bond.auth_atom_id_2 
_pdbx_validate_rmsd_bond.auth_asym_id_2 
_pdbx_validate_rmsd_bond.auth_comp_id_2 
_pdbx_validate_rmsd_bond.auth_seq_id_2 
_pdbx_validate_rmsd_bond.PDB_ins_code_2 
_pdbx_validate_rmsd_bond.label_alt_id_2 
_pdbx_validate_rmsd_bond.bond_value 
_pdbx_validate_rmsd_bond.bond_target_value 
_pdbx_validate_rmsd_bond.bond_deviation 
_pdbx_validate_rmsd_bond.bond_standard_deviation 
_pdbx_validate_rmsd_bond.linker_flag 
1 1 "O4'" A DG 1 ? ? "C1'" A DG 1 ? ? 1.504 1.420 0.084  0.011 N 
2 1 C2    A DT 4 ? ? N3    A DT 4 ? ? 1.316 1.373 -0.057 0.008 N 
3 1 N3    A DT 4 ? ? C4    A DT 4 ? ? 1.334 1.382 -0.048 0.008 N 
4 1 "O4'" A DG 5 ? ? "C1'" A DG 5 ? ? 1.501 1.420 0.081  0.011 N 
5 1 N7    A DG 5 ? ? C8    A DG 5 ? ? 1.267 1.305 -0.038 0.006 N 
6 1 N1    A DC 6 ? ? C6    A DC 6 ? ? 1.328 1.367 -0.039 0.006 N 
# 
loop_
_pdbx_validate_rmsd_angle.id 
_pdbx_validate_rmsd_angle.PDB_model_num 
_pdbx_validate_rmsd_angle.auth_atom_id_1 
_pdbx_validate_rmsd_angle.auth_asym_id_1 
_pdbx_validate_rmsd_angle.auth_comp_id_1 
_pdbx_validate_rmsd_angle.auth_seq_id_1 
_pdbx_validate_rmsd_angle.PDB_ins_code_1 
_pdbx_validate_rmsd_angle.label_alt_id_1 
_pdbx_validate_rmsd_angle.auth_atom_id_2 
_pdbx_validate_rmsd_angle.auth_asym_id_2 
_pdbx_validate_rmsd_angle.auth_comp_id_2 
_pdbx_validate_rmsd_angle.auth_seq_id_2 
_pdbx_validate_rmsd_angle.PDB_ins_code_2 
_pdbx_validate_rmsd_angle.label_alt_id_2 
_pdbx_validate_rmsd_angle.auth_atom_id_3 
_pdbx_validate_rmsd_angle.auth_asym_id_3 
_pdbx_validate_rmsd_angle.auth_comp_id_3 
_pdbx_validate_rmsd_angle.auth_seq_id_3 
_pdbx_validate_rmsd_angle.PDB_ins_code_3 
_pdbx_validate_rmsd_angle.label_alt_id_3 
_pdbx_validate_rmsd_angle.angle_value 
_pdbx_validate_rmsd_angle.angle_target_value 
_pdbx_validate_rmsd_angle.angle_deviation 
_pdbx_validate_rmsd_angle.angle_standard_deviation 
_pdbx_validate_rmsd_angle.linker_flag 
1  1 "O5'" A DG 1 ? ? "C5'" A DG 1 ? ? "C4'" A DG 1 ? ? 102.41 109.40 -6.99  0.80 N 
2  1 "O4'" A DG 1 ? ? "C1'" A DG 1 ? ? N9    A DG 1 ? ? 102.77 108.00 -5.23  0.70 N 
3  1 N3    A DC 2 ? ? C4    A DC 2 ? ? C5    A DC 2 ? ? 124.41 121.90 2.51   0.40 N 
4  1 C6    A DT 4 ? ? N1    A DT 4 ? ? C2    A DT 4 ? ? 117.33 121.30 -3.97  0.50 N 
5  1 "O4'" A DG 5 ? ? "C1'" A DG 5 ? ? N9    A DG 5 ? ? 103.58 108.00 -4.42  0.70 N 
6  1 "C1'" A DC 6 ? ? "O4'" A DC 6 ? ? "C4'" A DC 6 ? ? 103.80 110.10 -6.30  1.00 N 
7  1 "O4'" A DC 6 ? ? "C1'" A DC 6 ? ? "C2'" A DC 6 ? ? 100.28 105.90 -5.62  0.80 N 
8  1 N1    A DT 7 ? ? C2    A DT 7 ? ? N3    A DT 7 ? ? 119.18 114.60 4.58   0.60 N 
9  1 C2    A DT 7 ? ? N3    A DT 7 ? ? C4    A DT 7 ? ? 122.09 127.20 -5.11  0.60 N 
10 1 N1    A DT 7 ? ? C2    A DT 7 ? ? O2    A DT 7 ? ? 116.14 123.10 -6.96  0.80 N 
11 1 N3    A DT 7 ? ? C4    A DT 7 ? ? O4    A DT 7 ? ? 116.14 119.90 -3.76  0.60 N 
12 1 C4    A DT 7 ? ? C5    A DT 7 ? ? C7    A DT 7 ? ? 130.99 119.00 11.99  0.60 N 
13 1 C6    A DT 7 ? ? C5    A DT 7 ? ? C7    A DT 7 ? ? 109.15 122.90 -13.75 0.60 N 
# 
loop_
_pdbx_struct_special_symmetry.id 
_pdbx_struct_special_symmetry.PDB_model_num 
_pdbx_struct_special_symmetry.auth_asym_id 
_pdbx_struct_special_symmetry.auth_comp_id 
_pdbx_struct_special_symmetry.auth_seq_id 
_pdbx_struct_special_symmetry.PDB_ins_code 
_pdbx_struct_special_symmetry.label_asym_id 
_pdbx_struct_special_symmetry.label_comp_id 
_pdbx_struct_special_symmetry.label_seq_id 
1 1 A V   8   ? B V   . 
2 1 A HOH 100 ? C HOH . 
3 1 A HOH 103 ? C HOH . 
4 1 A HOH 119 ? C HOH . 
5 1 A HOH 124 ? C HOH . 
# 
loop_
_chem_comp_atom.comp_id 
_chem_comp_atom.atom_id 
_chem_comp_atom.type_symbol 
_chem_comp_atom.pdbx_aromatic_flag 
_chem_comp_atom.pdbx_stereo_config 
_chem_comp_atom.pdbx_ordinal 
DA  OP3    O N N 1   
DA  P      P N N 2   
DA  OP1    O N N 3   
DA  OP2    O N N 4   
DA  "O5'"  O N N 5   
DA  "C5'"  C N N 6   
DA  "C4'"  C N R 7   
DA  "O4'"  O N N 8   
DA  "C3'"  C N S 9   
DA  "O3'"  O N N 10  
DA  "C2'"  C N N 11  
DA  "C1'"  C N R 12  
DA  N9     N Y N 13  
DA  C8     C Y N 14  
DA  N7     N Y N 15  
DA  C5     C Y N 16  
DA  C6     C Y N 17  
DA  N6     N N N 18  
DA  N1     N Y N 19  
DA  C2     C Y N 20  
DA  N3     N Y N 21  
DA  C4     C Y N 22  
DA  HOP3   H N N 23  
DA  HOP2   H N N 24  
DA  "H5'"  H N N 25  
DA  "H5''" H N N 26  
DA  "H4'"  H N N 27  
DA  "H3'"  H N N 28  
DA  "HO3'" H N N 29  
DA  "H2'"  H N N 30  
DA  "H2''" H N N 31  
DA  "H1'"  H N N 32  
DA  H8     H N N 33  
DA  H61    H N N 34  
DA  H62    H N N 35  
DA  H2     H N N 36  
DC  OP3    O N N 37  
DC  P      P N N 38  
DC  OP1    O N N 39  
DC  OP2    O N N 40  
DC  "O5'"  O N N 41  
DC  "C5'"  C N N 42  
DC  "C4'"  C N R 43  
DC  "O4'"  O N N 44  
DC  "C3'"  C N S 45  
DC  "O3'"  O N N 46  
DC  "C2'"  C N N 47  
DC  "C1'"  C N R 48  
DC  N1     N N N 49  
DC  C2     C N N 50  
DC  O2     O N N 51  
DC  N3     N N N 52  
DC  C4     C N N 53  
DC  N4     N N N 54  
DC  C5     C N N 55  
DC  C6     C N N 56  
DC  HOP3   H N N 57  
DC  HOP2   H N N 58  
DC  "H5'"  H N N 59  
DC  "H5''" H N N 60  
DC  "H4'"  H N N 61  
DC  "H3'"  H N N 62  
DC  "HO3'" H N N 63  
DC  "H2'"  H N N 64  
DC  "H2''" H N N 65  
DC  "H1'"  H N N 66  
DC  H41    H N N 67  
DC  H42    H N N 68  
DC  H5     H N N 69  
DC  H6     H N N 70  
DG  OP3    O N N 71  
DG  P      P N N 72  
DG  OP1    O N N 73  
DG  OP2    O N N 74  
DG  "O5'"  O N N 75  
DG  "C5'"  C N N 76  
DG  "C4'"  C N R 77  
DG  "O4'"  O N N 78  
DG  "C3'"  C N S 79  
DG  "O3'"  O N N 80  
DG  "C2'"  C N N 81  
DG  "C1'"  C N R 82  
DG  N9     N Y N 83  
DG  C8     C Y N 84  
DG  N7     N Y N 85  
DG  C5     C Y N 86  
DG  C6     C N N 87  
DG  O6     O N N 88  
DG  N1     N N N 89  
DG  C2     C N N 90  
DG  N2     N N N 91  
DG  N3     N N N 92  
DG  C4     C Y N 93  
DG  HOP3   H N N 94  
DG  HOP2   H N N 95  
DG  "H5'"  H N N 96  
DG  "H5''" H N N 97  
DG  "H4'"  H N N 98  
DG  "H3'"  H N N 99  
DG  "HO3'" H N N 100 
DG  "H2'"  H N N 101 
DG  "H2''" H N N 102 
DG  "H1'"  H N N 103 
DG  H8     H N N 104 
DG  H1     H N N 105 
DG  H21    H N N 106 
DG  H22    H N N 107 
DT  OP3    O N N 108 
DT  P      P N N 109 
DT  OP1    O N N 110 
DT  OP2    O N N 111 
DT  "O5'"  O N N 112 
DT  "C5'"  C N N 113 
DT  "C4'"  C N R 114 
DT  "O4'"  O N N 115 
DT  "C3'"  C N S 116 
DT  "O3'"  O N N 117 
DT  "C2'"  C N N 118 
DT  "C1'"  C N R 119 
DT  N1     N N N 120 
DT  C2     C N N 121 
DT  O2     O N N 122 
DT  N3     N N N 123 
DT  C4     C N N 124 
DT  O4     O N N 125 
DT  C5     C N N 126 
DT  C7     C N N 127 
DT  C6     C N N 128 
DT  HOP3   H N N 129 
DT  HOP2   H N N 130 
DT  "H5'"  H N N 131 
DT  "H5''" H N N 132 
DT  "H4'"  H N N 133 
DT  "H3'"  H N N 134 
DT  "HO3'" H N N 135 
DT  "H2'"  H N N 136 
DT  "H2''" H N N 137 
DT  "H1'"  H N N 138 
DT  H3     H N N 139 
DT  H71    H N N 140 
DT  H72    H N N 141 
DT  H73    H N N 142 
DT  H6     H N N 143 
HOH O      O N N 144 
HOH H1     H N N 145 
HOH H2     H N N 146 
V   V      V N N 147 
# 
loop_
_chem_comp_bond.comp_id 
_chem_comp_bond.atom_id_1 
_chem_comp_bond.atom_id_2 
_chem_comp_bond.value_order 
_chem_comp_bond.pdbx_aromatic_flag 
_chem_comp_bond.pdbx_stereo_config 
_chem_comp_bond.pdbx_ordinal 
DA  OP3   P      sing N N 1   
DA  OP3   HOP3   sing N N 2   
DA  P     OP1    doub N N 3   
DA  P     OP2    sing N N 4   
DA  P     "O5'"  sing N N 5   
DA  OP2   HOP2   sing N N 6   
DA  "O5'" "C5'"  sing N N 7   
DA  "C5'" "C4'"  sing N N 8   
DA  "C5'" "H5'"  sing N N 9   
DA  "C5'" "H5''" sing N N 10  
DA  "C4'" "O4'"  sing N N 11  
DA  "C4'" "C3'"  sing N N 12  
DA  "C4'" "H4'"  sing N N 13  
DA  "O4'" "C1'"  sing N N 14  
DA  "C3'" "O3'"  sing N N 15  
DA  "C3'" "C2'"  sing N N 16  
DA  "C3'" "H3'"  sing N N 17  
DA  "O3'" "HO3'" sing N N 18  
DA  "C2'" "C1'"  sing N N 19  
DA  "C2'" "H2'"  sing N N 20  
DA  "C2'" "H2''" sing N N 21  
DA  "C1'" N9     sing N N 22  
DA  "C1'" "H1'"  sing N N 23  
DA  N9    C8     sing Y N 24  
DA  N9    C4     sing Y N 25  
DA  C8    N7     doub Y N 26  
DA  C8    H8     sing N N 27  
DA  N7    C5     sing Y N 28  
DA  C5    C6     sing Y N 29  
DA  C5    C4     doub Y N 30  
DA  C6    N6     sing N N 31  
DA  C6    N1     doub Y N 32  
DA  N6    H61    sing N N 33  
DA  N6    H62    sing N N 34  
DA  N1    C2     sing Y N 35  
DA  C2    N3     doub Y N 36  
DA  C2    H2     sing N N 37  
DA  N3    C4     sing Y N 38  
DC  OP3   P      sing N N 39  
DC  OP3   HOP3   sing N N 40  
DC  P     OP1    doub N N 41  
DC  P     OP2    sing N N 42  
DC  P     "O5'"  sing N N 43  
DC  OP2   HOP2   sing N N 44  
DC  "O5'" "C5'"  sing N N 45  
DC  "C5'" "C4'"  sing N N 46  
DC  "C5'" "H5'"  sing N N 47  
DC  "C5'" "H5''" sing N N 48  
DC  "C4'" "O4'"  sing N N 49  
DC  "C4'" "C3'"  sing N N 50  
DC  "C4'" "H4'"  sing N N 51  
DC  "O4'" "C1'"  sing N N 52  
DC  "C3'" "O3'"  sing N N 53  
DC  "C3'" "C2'"  sing N N 54  
DC  "C3'" "H3'"  sing N N 55  
DC  "O3'" "HO3'" sing N N 56  
DC  "C2'" "C1'"  sing N N 57  
DC  "C2'" "H2'"  sing N N 58  
DC  "C2'" "H2''" sing N N 59  
DC  "C1'" N1     sing N N 60  
DC  "C1'" "H1'"  sing N N 61  
DC  N1    C2     sing N N 62  
DC  N1    C6     sing N N 63  
DC  C2    O2     doub N N 64  
DC  C2    N3     sing N N 65  
DC  N3    C4     doub N N 66  
DC  C4    N4     sing N N 67  
DC  C4    C5     sing N N 68  
DC  N4    H41    sing N N 69  
DC  N4    H42    sing N N 70  
DC  C5    C6     doub N N 71  
DC  C5    H5     sing N N 72  
DC  C6    H6     sing N N 73  
DG  OP3   P      sing N N 74  
DG  OP3   HOP3   sing N N 75  
DG  P     OP1    doub N N 76  
DG  P     OP2    sing N N 77  
DG  P     "O5'"  sing N N 78  
DG  OP2   HOP2   sing N N 79  
DG  "O5'" "C5'"  sing N N 80  
DG  "C5'" "C4'"  sing N N 81  
DG  "C5'" "H5'"  sing N N 82  
DG  "C5'" "H5''" sing N N 83  
DG  "C4'" "O4'"  sing N N 84  
DG  "C4'" "C3'"  sing N N 85  
DG  "C4'" "H4'"  sing N N 86  
DG  "O4'" "C1'"  sing N N 87  
DG  "C3'" "O3'"  sing N N 88  
DG  "C3'" "C2'"  sing N N 89  
DG  "C3'" "H3'"  sing N N 90  
DG  "O3'" "HO3'" sing N N 91  
DG  "C2'" "C1'"  sing N N 92  
DG  "C2'" "H2'"  sing N N 93  
DG  "C2'" "H2''" sing N N 94  
DG  "C1'" N9     sing N N 95  
DG  "C1'" "H1'"  sing N N 96  
DG  N9    C8     sing Y N 97  
DG  N9    C4     sing Y N 98  
DG  C8    N7     doub Y N 99  
DG  C8    H8     sing N N 100 
DG  N7    C5     sing Y N 101 
DG  C5    C6     sing N N 102 
DG  C5    C4     doub Y N 103 
DG  C6    O6     doub N N 104 
DG  C6    N1     sing N N 105 
DG  N1    C2     sing N N 106 
DG  N1    H1     sing N N 107 
DG  C2    N2     sing N N 108 
DG  C2    N3     doub N N 109 
DG  N2    H21    sing N N 110 
DG  N2    H22    sing N N 111 
DG  N3    C4     sing N N 112 
DT  OP3   P      sing N N 113 
DT  OP3   HOP3   sing N N 114 
DT  P     OP1    doub N N 115 
DT  P     OP2    sing N N 116 
DT  P     "O5'"  sing N N 117 
DT  OP2   HOP2   sing N N 118 
DT  "O5'" "C5'"  sing N N 119 
DT  "C5'" "C4'"  sing N N 120 
DT  "C5'" "H5'"  sing N N 121 
DT  "C5'" "H5''" sing N N 122 
DT  "C4'" "O4'"  sing N N 123 
DT  "C4'" "C3'"  sing N N 124 
DT  "C4'" "H4'"  sing N N 125 
DT  "O4'" "C1'"  sing N N 126 
DT  "C3'" "O3'"  sing N N 127 
DT  "C3'" "C2'"  sing N N 128 
DT  "C3'" "H3'"  sing N N 129 
DT  "O3'" "HO3'" sing N N 130 
DT  "C2'" "C1'"  sing N N 131 
DT  "C2'" "H2'"  sing N N 132 
DT  "C2'" "H2''" sing N N 133 
DT  "C1'" N1     sing N N 134 
DT  "C1'" "H1'"  sing N N 135 
DT  N1    C2     sing N N 136 
DT  N1    C6     sing N N 137 
DT  C2    O2     doub N N 138 
DT  C2    N3     sing N N 139 
DT  N3    C4     sing N N 140 
DT  N3    H3     sing N N 141 
DT  C4    O4     doub N N 142 
DT  C4    C5     sing N N 143 
DT  C5    C7     sing N N 144 
DT  C5    C6     doub N N 145 
DT  C7    H71    sing N N 146 
DT  C7    H72    sing N N 147 
DT  C7    H73    sing N N 148 
DT  C6    H6     sing N N 149 
HOH O     H1     sing N N 150 
HOH O     H2     sing N N 151 
# 
loop_
_ndb_struct_conf_na.entry_id 
_ndb_struct_conf_na.feature 
1QYL 'double helix' 
1QYL 'hairpin loop' 
# 
loop_
_ndb_struct_na_base_pair.model_number 
_ndb_struct_na_base_pair.i_label_asym_id 
_ndb_struct_na_base_pair.i_label_comp_id 
_ndb_struct_na_base_pair.i_label_seq_id 
_ndb_struct_na_base_pair.i_symmetry 
_ndb_struct_na_base_pair.j_label_asym_id 
_ndb_struct_na_base_pair.j_label_comp_id 
_ndb_struct_na_base_pair.j_label_seq_id 
_ndb_struct_na_base_pair.j_symmetry 
_ndb_struct_na_base_pair.shear 
_ndb_struct_na_base_pair.stretch 
_ndb_struct_na_base_pair.stagger 
_ndb_struct_na_base_pair.buckle 
_ndb_struct_na_base_pair.propeller 
_ndb_struct_na_base_pair.opening 
_ndb_struct_na_base_pair.pair_number 
_ndb_struct_na_base_pair.pair_name 
_ndb_struct_na_base_pair.i_auth_asym_id 
_ndb_struct_na_base_pair.i_auth_seq_id 
_ndb_struct_na_base_pair.i_PDB_ins_code 
_ndb_struct_na_base_pair.j_auth_asym_id 
_ndb_struct_na_base_pair.j_auth_seq_id 
_ndb_struct_na_base_pair.j_PDB_ins_code 
_ndb_struct_na_base_pair.hbond_type_28 
_ndb_struct_na_base_pair.hbond_type_12 
1 A DG 1 1_555 A DC 6 1_555 -3.276 8.562 -0.358 -3.418 40.132 177.203 1 A_DG1:DC6_A A 1 ? A 6 ? ? ? 
1 A DC 2 1_555 A DG 5 1_555 3.359  8.461 -0.216 11.309 34.602 177.018 2 A_DC2:DG5_A A 2 ? A 5 ? ? ? 
# 
_ndb_struct_na_base_pair_step.model_number        1 
_ndb_struct_na_base_pair_step.i_label_asym_id_1   A 
_ndb_struct_na_base_pair_step.i_label_comp_id_1   DG 
_ndb_struct_na_base_pair_step.i_label_seq_id_1    1 
_ndb_struct_na_base_pair_step.i_symmetry_1        1_555 
_ndb_struct_na_base_pair_step.j_label_asym_id_1   A 
_ndb_struct_na_base_pair_step.j_label_comp_id_1   DC 
_ndb_struct_na_base_pair_step.j_label_seq_id_1    6 
_ndb_struct_na_base_pair_step.j_symmetry_1        1_555 
_ndb_struct_na_base_pair_step.i_label_asym_id_2   A 
_ndb_struct_na_base_pair_step.i_label_comp_id_2   DC 
_ndb_struct_na_base_pair_step.i_label_seq_id_2    2 
_ndb_struct_na_base_pair_step.i_symmetry_2        1_555 
_ndb_struct_na_base_pair_step.j_label_asym_id_2   A 
_ndb_struct_na_base_pair_step.j_label_comp_id_2   DG 
_ndb_struct_na_base_pair_step.j_label_seq_id_2    5 
_ndb_struct_na_base_pair_step.j_symmetry_2        1_555 
_ndb_struct_na_base_pair_step.shift               0.290 
_ndb_struct_na_base_pair_step.slide               0.422 
_ndb_struct_na_base_pair_step.rise                2.889 
_ndb_struct_na_base_pair_step.tilt                -0.772 
_ndb_struct_na_base_pair_step.roll                5.911 
_ndb_struct_na_base_pair_step.twist               28.484 
_ndb_struct_na_base_pair_step.x_displacement      -0.319 
_ndb_struct_na_base_pair_step.y_displacement      -0.730 
_ndb_struct_na_base_pair_step.helical_rise        2.907 
_ndb_struct_na_base_pair_step.inclination         11.849 
_ndb_struct_na_base_pair_step.tip                 1.547 
_ndb_struct_na_base_pair_step.helical_twist       29.088 
_ndb_struct_na_base_pair_step.step_number         1 
_ndb_struct_na_base_pair_step.step_name           AA_DG1DC2:DG5DC6_AA 
_ndb_struct_na_base_pair_step.i_auth_asym_id_1    A 
_ndb_struct_na_base_pair_step.i_auth_seq_id_1     1 
_ndb_struct_na_base_pair_step.i_PDB_ins_code_1    ? 
_ndb_struct_na_base_pair_step.j_auth_asym_id_1    A 
_ndb_struct_na_base_pair_step.j_auth_seq_id_1     6 
_ndb_struct_na_base_pair_step.j_PDB_ins_code_1    ? 
_ndb_struct_na_base_pair_step.i_auth_asym_id_2    A 
_ndb_struct_na_base_pair_step.i_auth_seq_id_2     2 
_ndb_struct_na_base_pair_step.i_PDB_ins_code_2    ? 
_ndb_struct_na_base_pair_step.j_auth_asym_id_2    A 
_ndb_struct_na_base_pair_step.j_auth_seq_id_2     5 
_ndb_struct_na_base_pair_step.j_PDB_ins_code_2    ? 
# 
_pdbx_initial_refinement_model.accession_code   184D 
_pdbx_initial_refinement_model.id               1 
_pdbx_initial_refinement_model.entity_id_list   ? 
_pdbx_initial_refinement_model.type             'experimental model' 
_pdbx_initial_refinement_model.source_name      PDB 
_pdbx_initial_refinement_model.details          'NDB entry udg028' 
# 
_atom_sites.entry_id                    1QYL 
_atom_sites.fract_transf_matrix[1][1]   0.00477546 
_atom_sites.fract_transf_matrix[1][2]   -0.03288019 
_atom_sites.fract_transf_matrix[1][3]   -0.02942382 
_atom_sites.fract_transf_matrix[2][1]   0.00911985 
_atom_sites.fract_transf_matrix[2][2]   -0.00889045 
_atom_sites.fract_transf_matrix[2][3]   0.01141494 
_atom_sites.fract_transf_matrix[3][1]   -0.03474792 
_atom_sites.fract_transf_matrix[3][2]   -0.01761369 
_atom_sites.fract_transf_matrix[3][3]   0.01404318 
_atom_sites.fract_transf_vector[1]      0.396012 
_atom_sites.fract_transf_vector[2]      0.105405 
_atom_sites.fract_transf_vector[3]      0.203277 
# 
loop_
_atom_type.symbol 
C 
N 
O 
P 
V 
# 
loop_
_atom_site.group_PDB 
_atom_site.id 
_atom_site.type_symbol 
_atom_site.label_atom_id 
_atom_site.label_alt_id 
_atom_site.label_comp_id 
_atom_site.label_asym_id 
_atom_site.label_entity_id 
_atom_site.label_seq_id 
_atom_site.pdbx_PDB_ins_code 
_atom_site.Cartn_x 
_atom_site.Cartn_y 
_atom_site.Cartn_z 
_atom_site.occupancy 
_atom_site.B_iso_or_equiv 
_atom_site.pdbx_formal_charge 
_atom_site.auth_seq_id 
_atom_site.auth_comp_id 
_atom_site.auth_asym_id 
_atom_site.auth_atom_id 
_atom_site.pdbx_PDB_model_num 
ATOM   1   O "O5'" . DG  A 1 1 ? -2.200  -8.969  -0.801 1.00 28.41 ? 1   DG  A "O5'" 1 
ATOM   2   C "C5'" . DG  A 1 1 ? -0.891  -8.563  -1.305 1.00 15.12 ? 1   DG  A "C5'" 1 
ATOM   3   C "C4'" . DG  A 1 1 ? -0.811  -7.121  -0.876 1.00 12.16 ? 1   DG  A "C4'" 1 
ATOM   4   O "O4'" . DG  A 1 1 ? 0.406   -6.511  -1.139 1.00 11.33 ? 1   DG  A "O4'" 1 
ATOM   5   C "C3'" . DG  A 1 1 ? -1.929  -6.262  -1.557 1.00 11.96 ? 1   DG  A "C3'" 1 
ATOM   6   O "O3'" . DG  A 1 1 ? -2.339  -5.258  -0.620 1.00 10.59 ? 1   DG  A "O3'" 1 
ATOM   7   C "C2'" . DG  A 1 1 ? -1.126  -5.675  -2.737 1.00 9.78  ? 1   DG  A "C2'" 1 
ATOM   8   C "C1'" . DG  A 1 1 ? 0.240   -5.491  -2.232 1.00 10.19 ? 1   DG  A "C1'" 1 
ATOM   9   N N9    . DG  A 1 1 ? 1.318   -5.801  -3.120 1.00 8.71  ? 1   DG  A N9    1 
ATOM   10  C C8    . DG  A 1 1 ? 1.343   -6.784  -4.108 1.00 10.57 ? 1   DG  A C8    1 
ATOM   11  N N7    . DG  A 1 1 ? 2.472   -6.823  -4.744 1.00 10.94 ? 1   DG  A N7    1 
ATOM   12  C C5    . DG  A 1 1 ? 3.241   -5.829  -4.157 1.00 10.00 ? 1   DG  A C5    1 
ATOM   13  C C6    . DG  A 1 1 ? 4.566   -5.406  -4.423 1.00 9.32  ? 1   DG  A C6    1 
ATOM   14  O O6    . DG  A 1 1 ? 5.336   -5.863  -5.289 1.00 11.43 ? 1   DG  A O6    1 
ATOM   15  N N1    . DG  A 1 1 ? 4.967   -4.388  -3.613 1.00 8.58  ? 1   DG  A N1    1 
ATOM   16  C C2    . DG  A 1 1 ? 4.204   -3.832  -2.650 1.00 8.49  ? 1   DG  A C2    1 
ATOM   17  N N2    . DG  A 1 1 ? 4.782   -2.852  -1.972 1.00 10.06 ? 1   DG  A N2    1 
ATOM   18  N N3    . DG  A 1 1 ? 2.949   -4.191  -2.357 1.00 8.25  ? 1   DG  A N3    1 
ATOM   19  C C4    . DG  A 1 1 ? 2.549   -5.181  -3.148 1.00 8.34  ? 1   DG  A C4    1 
ATOM   20  P P     . DC  A 1 2 ? -3.486  -4.163  -1.055 1.00 9.35  ? 2   DC  A P     1 
ATOM   21  O OP1   . DC  A 1 2 ? -4.121  -3.706  0.222  1.00 10.96 ? 2   DC  A OP1   1 
ATOM   22  O OP2   . DC  A 1 2 ? -4.288  -4.768  -2.150 1.00 11.23 ? 2   DC  A OP2   1 
ATOM   23  O "O5'" . DC  A 1 2 ? -2.616  -3.005  -1.686 1.00 7.90  ? 2   DC  A "O5'" 1 
ATOM   24  C "C5'" . DC  A 1 2 ? -1.761  -2.200  -0.832 1.00 7.24  ? 2   DC  A "C5'" 1 
ATOM   25  C "C4'" . DC  A 1 2 ? -0.954  -1.304  -1.702 1.00 5.05  ? 2   DC  A "C4'" 1 
ATOM   26  O "O4'" . DC  A 1 2 ? -0.088  -2.076  -2.497 1.00 6.17  ? 2   DC  A "O4'" 1 
ATOM   27  C "C3'" . DC  A 1 2 ? -1.754  -0.501  -2.728 1.00 5.05  ? 2   DC  A "C3'" 1 
ATOM   28  O "O3'" . DC  A 1 2 ? -1.833  0.871   -2.269 1.00 5.67  ? 2   DC  A "O3'" 1 
ATOM   29  C "C2'" . DC  A 1 2 ? -0.918  -0.590  -4.011 1.00 6.99  ? 2   DC  A "C2'" 1 
ATOM   30  C "C1'" . DC  A 1 2 ? 0.368   -1.204  -3.549 1.00 5.71  ? 2   DC  A "C1'" 1 
ATOM   31  N N1    . DC  A 1 2 ? 1.032   -2.043  -4.560 1.00 4.87  ? 2   DC  A N1    1 
ATOM   32  C C2    . DC  A 1 2 ? 2.355   -1.791  -4.849 1.00 4.84  ? 2   DC  A C2    1 
ATOM   33  O O2    . DC  A 1 2 ? 2.947   -0.904  -4.248 1.00 6.12  ? 2   DC  A O2    1 
ATOM   34  N N3    . DC  A 1 2 ? 2.962   -2.556  -5.790 1.00 4.96  ? 2   DC  A N3    1 
ATOM   35  C C4    . DC  A 1 2 ? 2.291   -3.506  -6.393 1.00 4.97  ? 2   DC  A C4    1 
ATOM   36  N N4    . DC  A 1 2 ? 2.966   -4.236  -7.312 1.00 6.30  ? 2   DC  A N4    1 
ATOM   37  C C5    . DC  A 1 2 ? 0.940   -3.807  -6.141 1.00 5.91  ? 2   DC  A C5    1 
ATOM   38  C C6    . DC  A 1 2 ? 0.327   -3.022  -5.199 1.00 5.63  ? 2   DC  A C6    1 
ATOM   39  P P     . DA  A 1 3 ? -3.271  1.535   -2.088 1.00 5.06  ? 3   DA  A P     1 
ATOM   40  O OP1   . DA  A 1 3 ? -4.143  0.643   -1.267 1.00 7.16  ? 3   DA  A OP1   1 
ATOM   41  O OP2   . DA  A 1 3 ? -3.795  1.987   -3.408 1.00 6.00  ? 3   DA  A OP2   1 
ATOM   42  O "O5'" . DA  A 1 3 ? -2.859  2.829   -1.279 1.00 6.01  ? 3   DA  A "O5'" 1 
ATOM   43  C "C5'" . DA  A 1 3 ? -2.321  2.670   0.062  1.00 5.93  ? 3   DA  A "C5'" 1 
ATOM   44  C "C4'" . DA  A 1 3 ? -1.315  3.779   0.250  1.00 6.59  ? 3   DA  A "C4'" 1 
ATOM   45  O "O4'" . DA  A 1 3 ? -0.186  3.549   -0.619 1.00 5.72  ? 3   DA  A "O4'" 1 
ATOM   46  C "C3'" . DA  A 1 3 ? -1.777  5.213   0.017  1.00 5.51  ? 3   DA  A "C3'" 1 
ATOM   47  O "O3'" . DA  A 1 3 ? -1.087  6.018   1.019  1.00 7.23  ? 3   DA  A "O3'" 1 
ATOM   48  C "C2'" . DA  A 1 3 ? -1.184  5.559   -1.342 1.00 5.33  ? 3   DA  A "C2'" 1 
ATOM   49  C "C1'" . DA  A 1 3 ? 0.076   4.807   -1.318 1.00 5.36  ? 3   DA  A "C1'" 1 
ATOM   50  N N9    . DA  A 1 3 ? 0.679   4.416   -2.590 1.00 4.42  ? 3   DA  A N9    1 
ATOM   51  C C8    . DA  A 1 3 ? 0.504   3.270   -3.317 1.00 5.01  ? 3   DA  A C8    1 
ATOM   52  N N7    . DA  A 1 3 ? 1.195   3.265   -4.412 1.00 4.07  ? 3   DA  A N7    1 
ATOM   53  C C5    . DA  A 1 3 ? 1.878   4.443   -4.432 1.00 4.05  ? 3   DA  A C5    1 
ATOM   54  C C6    . DA  A 1 3 ? 2.773   5.027   -5.339 1.00 4.09  ? 3   DA  A C6    1 
ATOM   55  N N6    . DA  A 1 3 ? 3.171   4.444   -6.456 1.00 4.08  ? 3   DA  A N6    1 
ATOM   56  N N1    . DA  A 1 3 ? 3.273   6.285   -5.024 1.00 5.13  ? 3   DA  A N1    1 
ATOM   57  C C2    . DA  A 1 3 ? 2.851   6.876   -3.861 1.00 5.00  ? 3   DA  A C2    1 
ATOM   58  N N3    . DA  A 1 3 ? 2.002   6.395   -2.960 1.00 4.68  ? 3   DA  A N3    1 
ATOM   59  C C4    . DA  A 1 3 ? 1.555   5.194   -3.298 1.00 4.00  ? 3   DA  A C4    1 
ATOM   60  P P     . DT  A 1 4 ? -1.858  7.252   1.712  1.00 8.63  ? 4   DT  A P     1 
ATOM   61  O OP1   . DT  A 1 4 ? -2.608  8.060   0.700  1.00 10.53 ? 4   DT  A OP1   1 
ATOM   62  O OP2   . DT  A 1 4 ? -0.798  7.905   2.566  1.00 12.39 ? 4   DT  A OP2   1 
ATOM   63  O "O5'" . DT  A 1 4 ? -2.930  6.546   2.634  1.00 8.58  ? 4   DT  A "O5'" 1 
ATOM   64  C "C5'" . DT  A 1 4 ? -2.601  6.114   3.987  1.00 8.59  ? 4   DT  A "C5'" 1 
ATOM   65  C "C4'" . DT  A 1 4 ? -3.660  5.216   4.513  1.00 8.53  ? 4   DT  A "C4'" 1 
ATOM   66  O "O4'" . DT  A 1 4 ? -4.898  5.886   4.462  1.00 8.74  ? 4   DT  A "O4'" 1 
ATOM   67  C "C3'" . DT  A 1 4 ? -3.802  3.915   3.723  1.00 8.82  ? 4   DT  A "C3'" 1 
ATOM   68  O "O3'" . DT  A 1 4 ? -4.242  2.848   4.568  1.00 10.10 ? 4   DT  A "O3'" 1 
ATOM   69  C "C2'" . DT  A 1 4 ? -5.003  4.159   2.827  1.00 10.14 ? 4   DT  A "C2'" 1 
ATOM   70  C "C1'" . DT  A 1 4 ? -5.862  5.071   3.773  1.00 9.25  ? 4   DT  A "C1'" 1 
ATOM   71  N N1    . DT  A 1 4 ? -6.686  5.921   2.914  1.00 9.35  ? 4   DT  A N1    1 
ATOM   72  C C2    . DT  A 1 4 ? -8.077  5.771   2.975  1.00 10.69 ? 4   DT  A C2    1 
ATOM   73  O O2    . DT  A 1 4 ? -8.576  4.932   3.771  1.00 15.89 ? 4   DT  A O2    1 
ATOM   74  N N3    . DT  A 1 4 ? -8.783  6.559   2.191  1.00 11.52 ? 4   DT  A N3    1 
ATOM   75  C C4    . DT  A 1 4 ? -8.342  7.471   1.325  1.00 9.78  ? 4   DT  A C4    1 
ATOM   76  O O4    . DT  A 1 4 ? -9.128  8.143   0.627  1.00 13.02 ? 4   DT  A O4    1 
ATOM   77  C C5    . DT  A 1 4 ? -6.933  7.614   1.246  1.00 10.29 ? 4   DT  A C5    1 
ATOM   78  C C7    . DT  A 1 4 ? -6.309  8.619   0.313  1.00 11.96 ? 4   DT  A C7    1 
ATOM   79  C C6    . DT  A 1 4 ? -6.192  6.849   2.040  1.00 8.49  ? 4   DT  A C6    1 
ATOM   80  P P     . DG  A 1 5 ? -3.166  1.883   5.312  1.00 11.14 ? 5   DG  A P     1 
ATOM   81  O OP1   . DG  A 1 5 ? -3.971  0.934   6.178  1.00 13.95 ? 5   DG  A OP1   1 
ATOM   82  O OP2   . DG  A 1 5 ? -2.056  2.666   5.848  1.00 12.00 ? 5   DG  A OP2   1 
ATOM   83  O "O5'" . DG  A 1 5 ? -2.586  0.997   4.115  1.00 10.25 ? 5   DG  A "O5'" 1 
ATOM   84  C "C5'" . DG  A 1 5 ? -3.392  0.216   3.234  1.00 10.15 ? 5   DG  A "C5'" 1 
ATOM   85  C "C4'" . DG  A 1 5 ? -2.510  -0.887  2.621  1.00 8.11  ? 5   DG  A "C4'" 1 
ATOM   86  O "O4'" . DG  A 1 5 ? -1.568  -0.249  1.780  1.00 7.21  ? 5   DG  A "O4'" 1 
ATOM   87  C "C3'" . DG  A 1 5 ? -1.703  -1.705  3.612  1.00 8.83  ? 5   DG  A "C3'" 1 
ATOM   88  O "O3'" . DG  A 1 5 ? -1.645  -3.019  3.095  1.00 9.07  ? 5   DG  A "O3'" 1 
ATOM   89  C "C2'" . DG  A 1 5 ? -0.312  -1.049  3.643  1.00 7.51  ? 5   DG  A "C2'" 1 
ATOM   90  C "C1'" . DG  A 1 5 ? -0.166  -0.493  2.257  1.00 6.90  ? 5   DG  A "C1'" 1 
ATOM   91  N N9    . DG  A 1 5 ? 0.450   0.876   2.256  1.00 6.33  ? 5   DG  A N9    1 
ATOM   92  C C8    . DG  A 1 5 ? 0.324   1.917   3.170  1.00 6.94  ? 5   DG  A C8    1 
ATOM   93  N N7    . DG  A 1 5 ? 0.984   2.956   2.866  1.00 6.89  ? 5   DG  A N7    1 
ATOM   94  C C5    . DG  A 1 5 ? 1.601   2.640   1.693  1.00 5.22  ? 5   DG  A C5    1 
ATOM   95  C C6    . DG  A 1 5 ? 2.461   3.419   0.896  1.00 5.13  ? 5   DG  A C6    1 
ATOM   96  O O6    . DG  A 1 5 ? 2.845   4.575   1.097  1.00 6.21  ? 5   DG  A O6    1 
ATOM   97  N N1    . DG  A 1 5 ? 2.912   2.757   -0.251 1.00 5.04  ? 5   DG  A N1    1 
ATOM   98  C C2    . DG  A 1 5 ? 2.532   1.466   -0.565 1.00 5.25  ? 5   DG  A C2    1 
ATOM   99  N N2    . DG  A 1 5 ? 3.050   1.004   -1.691 1.00 5.59  ? 5   DG  A N2    1 
ATOM   100 N N3    . DG  A 1 5 ? 1.717   0.710   0.167  1.00 5.35  ? 5   DG  A N3    1 
ATOM   101 C C4    . DG  A 1 5 ? 1.303   1.358   1.265  1.00 5.60  ? 5   DG  A C4    1 
ATOM   102 P P     . DC  A 1 6 ? -1.018  -4.296  3.810  1.00 10.99 ? 6   DC  A P     1 
ATOM   103 O OP1   . DC  A 1 6 ? -1.799  -5.518  3.325  1.00 16.47 ? 6   DC  A OP1   1 
ATOM   104 O OP2   . DC  A 1 6 ? -0.929  -4.010  5.273  1.00 14.38 ? 6   DC  A OP2   1 
ATOM   105 O "O5'" . DC  A 1 6 ? 0.441   -4.346  3.221  1.00 9.21  ? 6   DC  A "O5'" 1 
ATOM   106 C "C5'" . DC  A 1 6 ? 0.712   -4.659  1.800  1.00 10.98 ? 6   DC  A "C5'" 1 
ATOM   107 C "C4'" . DC  A 1 6 ? 2.140   -4.279  1.533  1.00 9.54  ? 6   DC  A "C4'" 1 
ATOM   108 O "O4'" . DC  A 1 6 ? 2.310   -2.903  1.712  1.00 9.58  ? 6   DC  A "O4'" 1 
ATOM   109 C "C3'" . DC  A 1 6 ? 3.179   -4.982  2.389  1.00 10.73 ? 6   DC  A "C3'" 1 
ATOM   110 O "O3'" . DC  A 1 6 ? 3.965   -5.859  1.593  1.00 12.45 ? 6   DC  A "O3'" 1 
ATOM   111 C "C2'" . DC  A 1 6 ? 3.966   -3.834  2.966  1.00 10.58 ? 6   DC  A "C2'" 1 
ATOM   112 C "C1'" . DC  A 1 6 ? 3.746   -2.755  1.941  1.00 10.31 ? 6   DC  A "C1'" 1 
ATOM   113 N N1    . DC  A 1 6 ? 3.877   -1.401  2.477  1.00 9.50  ? 6   DC  A N1    1 
ATOM   114 C C2    . DC  A 1 6 ? 4.555   -0.482  1.667  1.00 8.36  ? 6   DC  A C2    1 
ATOM   115 O O2    . DC  A 1 6 ? 5.013   -0.800  0.609  1.00 10.57 ? 6   DC  A O2    1 
ATOM   116 N N3    . DC  A 1 6 ? 4.695   0.772   2.162  1.00 9.84  ? 6   DC  A N3    1 
ATOM   117 C C4    . DC  A 1 6 ? 4.168   1.121   3.354  1.00 9.23  ? 6   DC  A C4    1 
ATOM   118 N N4    . DC  A 1 6 ? 4.333   2.385   3.769  1.00 11.20 ? 6   DC  A N4    1 
ATOM   119 C C5    . DC  A 1 6 ? 3.465   0.188   4.171  1.00 10.88 ? 6   DC  A C5    1 
ATOM   120 C C6    . DC  A 1 6 ? 3.368   -1.052  3.652  1.00 9.73  ? 6   DC  A C6    1 
ATOM   121 P P     . DT  A 1 7 ? 4.232   -7.372  1.979  1.00 13.97 ? 7   DT  A P     1 
ATOM   122 O OP1   . DT  A 1 7 ? 2.980   -7.984  2.563  1.00 22.27 ? 7   DT  A OP1   1 
ATOM   123 O OP2   . DT  A 1 7 ? 5.526   -7.550  2.738  1.00 17.98 ? 7   DT  A OP2   1 
ATOM   124 O "O5'" . DT  A 1 7 ? 4.470   -7.966  0.519  1.00 16.21 ? 7   DT  A "O5'" 1 
ATOM   125 C "C5'" . DT  A 1 7 ? 3.445   -7.781  -0.523 1.00 18.02 ? 7   DT  A "C5'" 1 
ATOM   126 C "C4'" . DT  A 1 7 ? 4.067   -8.316  -1.787 1.00 18.93 ? 7   DT  A "C4'" 1 
ATOM   127 O "O4'" . DT  A 1 7 ? 4.932   -7.342  -2.281 1.00 18.95 ? 7   DT  A "O4'" 1 
ATOM   128 C "C3'" . DT  A 1 7 ? 4.885   -9.613  -1.611 1.00 18.34 ? 7   DT  A "C3'" 1 
ATOM   129 O "O3'" . DT  A 1 7 ? 4.579   -10.506 -2.694 1.00 17.68 ? 7   DT  A "O3'" 1 
ATOM   130 C "C2'" . DT  A 1 7 ? 6.345   -9.178  -1.789 1.00 20.46 ? 7   DT  A "C2'" 1 
ATOM   131 C "C1'" . DT  A 1 7 ? 6.230   -7.865  -2.563 1.00 19.93 ? 7   DT  A "C1'" 1 
ATOM   132 N N1    . DT  A 1 7 ? 7.248   -6.944  -1.957 1.00 17.92 ? 7   DT  A N1    1 
ATOM   133 C C2    . DT  A 1 7 ? 8.538   -7.004  -2.385 1.00 18.34 ? 7   DT  A C2    1 
ATOM   134 O O2    . DT  A 1 7 ? 8.782   -7.841  -3.266 1.00 21.99 ? 7   DT  A O2    1 
ATOM   135 N N3    . DT  A 1 7 ? 9.467   -6.161  -1.830 1.00 17.05 ? 7   DT  A N3    1 
ATOM   136 C C4    . DT  A 1 7 ? 9.140   -5.260  -0.864 1.00 18.85 ? 7   DT  A C4    1 
ATOM   137 O O4    . DT  A 1 7 ? 10.089  -4.535  -0.430 1.00 22.31 ? 7   DT  A O4    1 
ATOM   138 C C5    . DT  A 1 7 ? 7.785   -5.216  -0.445 1.00 19.67 ? 7   DT  A C5    1 
ATOM   139 C C7    . DT  A 1 7 ? 7.116   -4.386  0.563  1.00 28.17 ? 7   DT  A C7    1 
ATOM   140 C C6    . DT  A 1 7 ? 6.880   -6.060  -0.999 1.00 18.84 ? 7   DT  A C6    1 
HETATM 141 V V     . V   B 2 . ? -0.127  11.902  0.138  0.25 17.46 ? 8   V   A V     1 
HETATM 142 O O     . HOH C 3 . ? -2.512  1.732   -5.877 0.50 4.64  ? 100 HOH A O     1 
HETATM 143 O O     . HOH C 3 . ? -3.994  4.666   -4.012 1.00 6.69  ? 101 HOH A O     1 
HETATM 144 O O     . HOH C 3 . ? 1.857   8.367   -0.993 1.00 8.95  ? 102 HOH A O     1 
HETATM 145 O O     . HOH C 3 . ? -1.995  10.955  0.893  0.25 12.32 ? 103 HOH A O     1 
HETATM 146 O O     . HOH C 3 . ? -3.897  -4.833  2.301  1.00 10.97 ? 104 HOH A O     1 
HETATM 147 O O     . HOH C 3 . ? 1.913   7.175   1.616  1.00 10.06 ? 105 HOH A O     1 
HETATM 148 O O     . HOH C 3 . ? -3.288  8.456   -1.869 1.00 12.06 ? 106 HOH A O     1 
HETATM 149 O O     . HOH C 3 . ? -6.372  2.024   -4.261 1.00 25.06 ? 107 HOH A O     1 
HETATM 150 O O     . HOH C 3 . ? 0.526   10.545  1.602  0.50 7.77  ? 108 HOH A O     1 
HETATM 151 O O     . HOH C 3 . ? 2.927   2.900   6.545  1.00 16.88 ? 109 HOH A O     1 
HETATM 152 O O     . HOH C 3 . ? -6.114  4.539   -0.137 1.00 31.40 ? 110 HOH A O     1 
HETATM 153 O O     . HOH C 3 . ? 1.191   5.259   4.398  0.50 38.05 ? 111 HOH A O     1 
HETATM 154 O O     . HOH C 3 . ? 2.320   -1.821  -1.199 1.00 21.50 ? 112 HOH A O     1 
HETATM 155 O O     . HOH C 3 . ? -5.936  -1.135  -2.611 1.00 20.05 ? 113 HOH A O     1 
HETATM 156 O O     . HOH C 3 . ? 0.412   1.777   6.881  1.00 19.87 ? 114 HOH A O     1 
HETATM 157 O O     . HOH C 3 . ? -5.854  1.716   0.403  1.00 29.92 ? 115 HOH A O     1 
HETATM 158 O O     . HOH C 3 . ? 1.073   -6.311  -8.493 1.00 21.79 ? 116 HOH A O     1 
HETATM 159 O O     . HOH C 3 . ? 4.591   -9.138  -4.895 1.00 46.16 ? 117 HOH A O     1 
HETATM 160 O O     . HOH C 3 . ? -4.426  -1.943  6.368  1.00 35.81 ? 118 HOH A O     1 
HETATM 161 O O     . HOH C 3 . ? 12.149  -6.865  -2.387 0.50 16.82 ? 119 HOH A O     1 
HETATM 162 O O     . HOH C 3 . ? -2.056  9.620   4.407  1.00 28.15 ? 120 HOH A O     1 
HETATM 163 O O     . HOH C 3 . ? -9.214  9.886   -1.517 1.00 37.94 ? 121 HOH A O     1 
HETATM 164 O O     . HOH C 3 . ? 7.585   -6.293  3.651  1.00 23.33 ? 122 HOH A O     1 
HETATM 165 O O     . HOH C 3 . ? -5.032  6.416   -2.260 1.00 11.59 ? 123 HOH A O     1 
HETATM 166 O O     . HOH C 3 . ? 0.100   10.335  -1.264 0.25 7.96  ? 124 HOH A O     1 
HETATM 167 O O     . HOH C 3 . ? 2.345   9.486   5.005  1.00 14.75 ? 125 HOH A O     1 
HETATM 168 O O     . HOH C 3 . ? 1.762   -2.933  5.864  1.00 19.65 ? 126 HOH A O     1 
HETATM 169 O O     . HOH C 3 . ? -6.839  -1.617  2.839  1.00 25.10 ? 127 HOH A O     1 
HETATM 170 O O     . HOH C 3 . ? 4.659   -9.512  -7.163 1.00 26.31 ? 128 HOH A O     1 
HETATM 171 O O     . HOH C 3 . ? -7.551  7.289   -3.540 1.00 26.76 ? 129 HOH A O     1 
HETATM 172 O O     . HOH C 3 . ? -6.718  4.740   -4.691 1.00 31.52 ? 130 HOH A O     1 
HETATM 173 O O     . HOH C 3 . ? 4.319   5.948   3.258  1.00 25.57 ? 131 HOH A O     1 
HETATM 174 O O     . HOH C 3 . ? -5.137  -1.207  0.484  1.00 18.34 ? 132 HOH A O     1 
HETATM 175 O O     . HOH C 3 . ? -11.958 8.346   0.385  1.00 26.73 ? 133 HOH A O     1 
HETATM 176 O O     . HOH C 3 . ? 2.496   6.965   5.508  1.00 46.57 ? 134 HOH A O     1 
HETATM 177 O O     . HOH C 3 . ? -5.223  -2.133  9.301  1.00 39.70 ? 135 HOH A O     1 
HETATM 178 O O     . HOH C 3 . ? -7.165  0.463   1.923  1.00 45.87 ? 136 HOH A O     1 
HETATM 179 O O     . HOH C 3 . ? 3.688   -5.184  6.615  1.00 37.23 ? 137 HOH A O     1 
HETATM 180 O O     . HOH C 3 . ? -11.787 10.733  -1.201 1.00 36.30 ? 138 HOH A O     1 
HETATM 181 O O     . HOH C 3 . ? 0.667   -8.525  -8.037 1.00 40.33 ? 139 HOH A O     1 
HETATM 182 O O     . HOH C 3 . ? -0.539  4.799   6.796  0.50 34.36 ? 140 HOH A O     1 
HETATM 183 O O     . HOH C 3 . ? -8.640  3.782   -0.662 1.00 50.26 ? 141 HOH A O     1 
HETATM 184 O O     . HOH C 3 . ? 1.093   3.687   8.917  1.00 39.17 ? 142 HOH A O     1 
HETATM 185 O O     . HOH C 3 . ? -4.812  -3.364  3.960  1.00 41.57 ? 143 HOH A O     1 
HETATM 186 O O     . HOH C 3 . ? -8.684  -0.824  -3.556 0.25 26.37 ? 144 HOH A O     1 
# 
loop_
_atom_site_anisotrop.id 
_atom_site_anisotrop.type_symbol 
_atom_site_anisotrop.pdbx_label_atom_id 
_atom_site_anisotrop.pdbx_label_alt_id 
_atom_site_anisotrop.pdbx_label_comp_id 
_atom_site_anisotrop.pdbx_label_asym_id 
_atom_site_anisotrop.pdbx_label_seq_id 
_atom_site_anisotrop.pdbx_PDB_ins_code 
_atom_site_anisotrop.U[1][1] 
_atom_site_anisotrop.U[2][2] 
_atom_site_anisotrop.U[3][3] 
_atom_site_anisotrop.U[1][2] 
_atom_site_anisotrop.U[1][3] 
_atom_site_anisotrop.U[2][3] 
_atom_site_anisotrop.pdbx_auth_seq_id 
_atom_site_anisotrop.pdbx_auth_comp_id 
_atom_site_anisotrop.pdbx_auth_asym_id 
_atom_site_anisotrop.pdbx_auth_atom_id 
1   O "O5'" . DG  A 1 ? 0.4457 0.1997 0.4338 -0.0545 -0.0139 -0.0340 1   DG  A "O5'" 
2   C "C5'" . DG  A 1 ? 0.1977 0.0861 0.2908 -0.0124 -0.0402 0.0723  1   DG  A "C5'" 
3   C "C4'" . DG  A 1 ? 0.1260 0.1123 0.2239 -0.0292 -0.0225 0.0897  1   DG  A "C4'" 
4   O "O4'" . DG  A 1 ? 0.1326 0.0956 0.2023 0.0010  -0.0064 0.0740  1   DG  A "O4'" 
5   C "C3'" . DG  A 1 ? 0.1512 0.0907 0.2126 -0.0336 0.0139  0.0632  1   DG  A "C3'" 
6   O "O3'" . DG  A 1 ? 0.1263 0.0957 0.1803 -0.0198 0.0149  0.0530  1   DG  A "O3'" 
7   C "C2'" . DG  A 1 ? 0.0706 0.0966 0.2045 0.0019  -0.0104 0.0242  1   DG  A "C2'" 
8   C "C1'" . DG  A 1 ? 0.0999 0.0949 0.1923 -0.0035 -0.0130 0.0589  1   DG  A "C1'" 
9   N N9    . DG  A 1 ? 0.0976 0.0888 0.1447 -0.0039 -0.0233 0.0576  1   DG  A N9    
10  C C8    . DG  A 1 ? 0.1190 0.0807 0.2019 0.0314  -0.0166 0.0213  1   DG  A C8    
11  N N7    . DG  A 1 ? 0.0998 0.0946 0.2210 0.0062  -0.0274 0.0239  1   DG  A N7    
12  C C5    . DG  A 1 ? 0.1346 0.0885 0.1567 0.0107  -0.0081 0.0534  1   DG  A C5    
13  C C6    . DG  A 1 ? 0.0949 0.1267 0.1325 0.0320  0.0020  0.0489  1   DG  A C6    
14  O O6    . DG  A 1 ? 0.1608 0.1490 0.1245 -0.0003 0.0129  0.0222  1   DG  A O6    
15  N N1    . DG  A 1 ? 0.0928 0.0975 0.1360 0.0048  -0.0155 0.0632  1   DG  A N1    
16  C C2    . DG  A 1 ? 0.0887 0.1002 0.1338 0.0106  -0.0331 0.0542  1   DG  A C2    
17  N N2    . DG  A 1 ? 0.0839 0.1310 0.1671 0.0136  0.0125  0.0663  1   DG  A N2    
18  N N3    . DG  A 1 ? 0.0774 0.0857 0.1506 -0.0079 -0.0107 0.0593  1   DG  A N3    
19  C C4    . DG  A 1 ? 0.0871 0.0867 0.1431 0.0116  -0.0213 0.0516  1   DG  A C4    
20  P P     . DC  A 2 ? 0.1158 0.0924 0.1469 -0.0296 0.0189  0.0322  2   DC  A P     
21  O OP1   . DC  A 2 ? 0.1220 0.1447 0.1499 -0.0113 0.0317  0.0564  2   DC  A OP1   
22  O OP2   . DC  A 2 ? 0.1503 0.0955 0.1811 -0.0092 -0.0010 0.0261  2   DC  A OP2   
23  O "O5'" . DC  A 2 ? 0.1012 0.0917 0.1074 -0.0274 0.0043  0.0244  2   DC  A "O5'" 
24  C "C5'" . DC  A 2 ? 0.0978 0.0936 0.0837 -0.0278 0.0071  0.0149  2   DC  A "C5'" 
25  C "C4'" . DC  A 2 ? 0.0579 0.0596 0.0743 0.0011  -0.0005 0.0041  2   DC  A "C4'" 
26  O "O4'" . DC  A 2 ? 0.0964 0.0709 0.0669 0.0226  -0.0092 0.0174  2   DC  A "O4'" 
27  C "C3'" . DC  A 2 ? 0.0654 0.0383 0.0881 0.0207  0.0053  0.0060  2   DC  A "C3'" 
28  O "O3'" . DC  A 2 ? 0.0694 0.0700 0.0759 0.0117  0.0035  0.0048  2   DC  A "O3'" 
29  C "C2'" . DC  A 2 ? 0.1189 0.0735 0.0732 0.0333  0.0187  0.0182  2   DC  A "C2'" 
30  C "C1'" . DC  A 2 ? 0.0837 0.0557 0.0776 0.0054  0.0235  0.0070  2   DC  A "C1'" 
31  N N1    . DC  A 2 ? 0.0716 0.0460 0.0673 -0.0108 -0.0058 -0.0057 2   DC  A N1    
32  C C2    . DC  A 2 ? 0.0651 0.0504 0.0682 0.0128  0.0021  0.0036  2   DC  A C2    
33  O O2    . DC  A 2 ? 0.0722 0.0767 0.0836 -0.0130 0.0169  -0.0138 2   DC  A O2    
34  N N3    . DC  A 2 ? 0.0687 0.0634 0.0564 0.0028  0.0023  0.0021  2   DC  A N3    
35  C C4    . DC  A 2 ? 0.0752 0.0371 0.0765 0.0127  -0.0017 -0.0039 2   DC  A C4    
36  N N4    . DC  A 2 ? 0.0969 0.0663 0.0764 0.0158  -0.0130 -0.0076 2   DC  A N4    
37  C C5    . DC  A 2 ? 0.0781 0.0496 0.0969 0.0166  -0.0140 -0.0052 2   DC  A C5    
38  C C6    . DC  A 2 ? 0.0773 0.0545 0.0822 0.0174  0.0066  0.0208  2   DC  A C6    
39  P P     . DA  A 3 ? 0.0630 0.0625 0.0665 -0.0003 0.0094  0.0016  3   DA  A P     
40  O OP1   . DA  A 3 ? 0.0800 0.0759 0.1161 0.0101  0.0331  0.0142  3   DA  A OP1   
41  O OP2   . DA  A 3 ? 0.0878 0.0811 0.0592 -0.0004 -0.0029 -0.0029 3   DA  A OP2   
42  O "O5'" . DA  A 3 ? 0.0895 0.0658 0.0732 0.0136  0.0085  0.0011  3   DA  A "O5'" 
43  C "C5'" . DA  A 3 ? 0.0694 0.0907 0.0655 0.0110  0.0153  0.0205  3   DA  A "C5'" 
44  C "C4'" . DA  A 3 ? 0.0771 0.1254 0.0480 0.0308  0.0110  -0.0168 3   DA  A "C4'" 
45  O "O4'" . DA  A 3 ? 0.0588 0.1004 0.0582 0.0334  0.0067  -0.0124 3   DA  A "O4'" 
46  C "C3'" . DA  A 3 ? 0.0585 0.0851 0.0657 0.0074  0.0020  -0.0217 3   DA  A "C3'" 
47  O "O3'" . DA  A 3 ? 0.0645 0.1360 0.0743 -0.0083 0.0068  -0.0535 3   DA  A "O3'" 
48  C "C2'" . DA  A 3 ? 0.0502 0.0680 0.0842 0.0049  -0.0015 -0.0067 3   DA  A "C2'" 
49  C "C1'" . DA  A 3 ? 0.0742 0.0764 0.0531 0.0032  0.0077  -0.0105 3   DA  A "C1'" 
50  N N9    . DA  A 3 ? 0.0605 0.0613 0.0460 0.0137  -0.0063 -0.0155 3   DA  A N9    
51  C C8    . DA  A 3 ? 0.0549 0.0703 0.0651 0.0112  -0.0001 0.0026  3   DA  A C8    
52  N N7    . DA  A 3 ? 0.0546 0.0511 0.0490 0.0106  0.0016  -0.0008 3   DA  A N7    
53  C C5    . DA  A 3 ? 0.0536 0.0616 0.0385 -0.0050 -0.0108 -0.0077 3   DA  A C5    
54  C C6    . DA  A 3 ? 0.0528 0.0546 0.0480 0.0011  -0.0237 0.0054  3   DA  A C6    
55  N N6    . DA  A 3 ? 0.0598 0.0650 0.0302 0.0010  -0.0089 -0.0003 3   DA  A N6    
56  N N1    . DA  A 3 ? 0.0553 0.0772 0.0624 0.0077  -0.0146 -0.0098 3   DA  A N1    
57  C C2    . DA  A 3 ? 0.0796 0.0601 0.0502 0.0008  -0.0194 -0.0136 3   DA  A C2    
58  N N3    . DA  A 3 ? 0.0637 0.0588 0.0554 0.0067  -0.0044 -0.0099 3   DA  A N3    
59  C C4    . DA  A 3 ? 0.0430 0.0598 0.0490 0.0141  -0.0069 -0.0058 3   DA  A C4    
60  P P     . DT  A 4 ? 0.1028 0.1095 0.1153 -0.0022 0.0241  -0.0458 4   DT  A P     
61  O OP1   . DT  A 4 ? 0.1033 0.1610 0.1356 0.0013  0.0222  -0.0295 4   DT  A OP1   
62  O OP2   . DT  A 4 ? 0.1614 0.1942 0.1151 -0.0721 0.0136  -0.0834 4   DT  A OP2   
63  O "O5'" . DT  A 4 ? 0.0842 0.1253 0.1166 0.0148  0.0127  -0.0193 4   DT  A "O5'" 
64  C "C5'" . DT  A 4 ? 0.0681 0.1352 0.1231 -0.0157 0.0075  -0.0379 4   DT  A "C5'" 
65  C "C4'" . DT  A 4 ? 0.0657 0.1342 0.1242 -0.0004 0.0045  -0.0361 4   DT  A "C4'" 
66  O "O4'" . DT  A 4 ? 0.0832 0.1341 0.1150 -0.0040 0.0208  -0.0341 4   DT  A "O4'" 
67  C "C3'" . DT  A 4 ? 0.1067 0.1383 0.0900 0.0198  0.0021  -0.0040 4   DT  A "C3'" 
68  O "O3'" . DT  A 4 ? 0.1122 0.1232 0.1482 0.0215  0.0025  -0.0182 4   DT  A "O3'" 
69  C "C2'" . DT  A 4 ? 0.1151 0.1499 0.1200 0.0178  0.0072  -0.0161 4   DT  A "C2'" 
70  C "C1'" . DT  A 4 ? 0.0956 0.1523 0.1035 -0.0060 0.0423  -0.0199 4   DT  A "C1'" 
71  N N1    . DT  A 4 ? 0.0582 0.1575 0.1396 -0.0169 -0.0146 -0.0098 4   DT  A N1    
72  C C2    . DT  A 4 ? 0.0587 0.2193 0.1283 0.0020  0.0077  0.0432  4   DT  A C2    
73  O O2    . DT  A 4 ? 0.1025 0.3069 0.1943 -0.0499 -0.0028 0.0719  4   DT  A O2    
74  N N3    . DT  A 4 ? 0.0803 0.1719 0.1854 -0.0047 -0.0126 0.0142  4   DT  A N3    
75  C C4    . DT  A 4 ? 0.0898 0.1410 0.1409 -0.0208 -0.0214 -0.0431 4   DT  A C4    
76  O O4    . DT  A 4 ? 0.1053 0.1271 0.2622 -0.0188 -0.0552 -0.0134 4   DT  A O4    
77  C C5    . DT  A 4 ? 0.0929 0.1480 0.1501 -0.0103 -0.0066 -0.0372 4   DT  A C5    
78  C C7    . DT  A 4 ? 0.1134 0.1915 0.1493 -0.0437 0.0395  -0.0188 4   DT  A C7    
79  C C6    . DT  A 4 ? 0.0710 0.1429 0.1087 -0.0092 0.0136  -0.0431 4   DT  A C6    
80  P P     . DG  A 5 ? 0.1277 0.1630 0.1327 0.0122  0.0244  0.0033  5   DG  A P     
81  O OP1   . DG  A 5 ? 0.1522 0.1806 0.1975 0.0050  0.0365  0.0631  5   DG  A OP1   
82  O OP2   . DG  A 5 ? 0.1673 0.1749 0.1136 -0.0007 -0.0358 -0.0147 5   DG  A OP2   
83  O "O5'" . DG  A 5 ? 0.0779 0.1684 0.1433 -0.0065 0.0149  -0.0304 5   DG  A "O5'" 
84  C "C5'" . DG  A 5 ? 0.0564 0.1610 0.1683 -0.0205 -0.0129 -0.0186 5   DG  A "C5'" 
85  C "C4'" . DG  A 5 ? 0.0541 0.1146 0.1396 -0.0015 0.0128  0.0202  5   DG  A "C4'" 
86  O "O4'" . DG  A 5 ? 0.0612 0.1150 0.0977 -0.0008 -0.0147 0.0246  5   DG  A "O4'" 
87  C "C3'" . DG  A 5 ? 0.0904 0.1201 0.1250 0.0110  0.0342  0.0364  5   DG  A "C3'" 
88  O "O3'" . DG  A 5 ? 0.0727 0.0984 0.1733 0.0083  0.0024  0.0523  5   DG  A "O3'" 
89  C "C2'" . DG  A 5 ? 0.0724 0.1143 0.0987 -0.0237 -0.0063 0.0384  5   DG  A "C2'" 
90  C "C1'" . DG  A 5 ? 0.0632 0.1120 0.0870 -0.0119 -0.0024 0.0278  5   DG  A "C1'" 
91  N N9    . DG  A 5 ? 0.0560 0.0928 0.0918 -0.0034 -0.0046 0.0112  5   DG  A N9    
92  C C8    . DG  A 5 ? 0.0776 0.1117 0.0744 -0.0097 -0.0080 0.0083  5   DG  A C8    
93  N N7    . DG  A 5 ? 0.0552 0.1158 0.0908 -0.0005 -0.0136 -0.0111 5   DG  A N7    
94  C C5    . DG  A 5 ? 0.0485 0.1015 0.0485 -0.0142 -0.0024 0.0062  5   DG  A C5    
95  C C6    . DG  A 5 ? 0.0447 0.0944 0.0559 -0.0005 -0.0098 -0.0021 5   DG  A C6    
96  O O6    . DG  A 5 ? 0.0764 0.0768 0.0828 -0.0123 0.0079  -0.0190 5   DG  A O6    
97  N N1    . DG  A 5 ? 0.0535 0.0784 0.0594 0.0004  -0.0168 0.0014  5   DG  A N1    
98  C C2    . DG  A 5 ? 0.0718 0.0751 0.0527 -0.0072 -0.0159 -0.0121 5   DG  A C2    
99  N N2    . DG  A 5 ? 0.0729 0.0653 0.0742 -0.0047 -0.0066 -0.0082 5   DG  A N2    
100 N N3    . DG  A 5 ? 0.0527 0.0830 0.0677 -0.0229 -0.0051 0.0015  5   DG  A N3    
101 C C4    . DG  A 5 ? 0.0519 0.1055 0.0556 -0.0120 0.0013  0.0157  5   DG  A C4    
102 P P     . DC  A 6 ? 0.0818 0.1526 0.1832 -0.0242 -0.0022 0.0702  6   DC  A P     
103 O OP1   . DC  A 6 ? 0.0949 0.1782 0.3525 -0.0560 -0.0559 0.1473  6   DC  A OP1   
104 O OP2   . DC  A 6 ? 0.1872 0.2250 0.1340 0.0197  0.0382  0.0695  6   DC  A OP2   
105 O "O5'" . DC  A 6 ? 0.0907 0.1232 0.1361 -0.0190 -0.0131 0.0350  6   DC  A "O5'" 
106 C "C5'" . DC  A 6 ? 0.1395 0.1087 0.1689 -0.0020 -0.0398 0.0224  6   DC  A "C5'" 
107 C "C4'" . DC  A 6 ? 0.1201 0.0983 0.1439 0.0234  0.0058  0.0491  6   DC  A "C4'" 
108 O "O4'" . DC  A 6 ? 0.0991 0.1006 0.1645 -0.0044 -0.0199 0.0355  6   DC  A "O4'" 
109 C "C3'" . DC  A 6 ? 0.1087 0.1367 0.1623 0.0424  0.0423  0.0514  6   DC  A "C3'" 
110 O "O3'" . DC  A 6 ? 0.1485 0.1613 0.1631 0.0308  0.0214  0.0645  6   DC  A "O3'" 
111 C "C2'" . DC  A 6 ? 0.1044 0.1390 0.1586 0.0293  -0.0022 0.0471  6   DC  A "C2'" 
112 C "C1'" . DC  A 6 ? 0.0954 0.1629 0.1334 -0.0034 -0.0043 0.0423  6   DC  A "C1'" 
113 N N1    . DC  A 6 ? 0.1046 0.1437 0.1127 -0.0214 -0.0195 0.0356  6   DC  A N1    
114 C C2    . DC  A 6 ? 0.0597 0.1309 0.1270 -0.0092 -0.0223 0.0163  6   DC  A C2    
115 O O2    . DC  A 6 ? 0.0966 0.1542 0.1507 -0.0228 0.0112  0.0257  6   DC  A O2    
116 N N3    . DC  A 6 ? 0.0949 0.1732 0.1057 -0.0070 -0.0231 0.0365  6   DC  A N3    
117 C C4    . DC  A 6 ? 0.0674 0.1857 0.0978 -0.0159 -0.0161 0.0067  6   DC  A C4    
118 N N4    . DC  A 6 ? 0.0964 0.2035 0.1256 -0.0038 -0.0387 0.0216  6   DC  A N4    
119 C C5    . DC  A 6 ? 0.1001 0.2191 0.0941 -0.0397 0.0003  0.0176  6   DC  A C5    
120 C C6    . DC  A 6 ? 0.0962 0.1629 0.1107 -0.0402 -0.0226 0.0222  6   DC  A C6    
121 P P     . DT  A 7 ? 0.2009 0.1314 0.1987 0.0653  0.0024  0.0285  7   DT  A P     
122 O OP1   . DT  A 7 ? 0.3543 0.2472 0.2447 -0.0581 0.1024  0.0411  7   DT  A OP1   
123 O OP2   . DT  A 7 ? 0.2217 0.1938 0.2676 0.0904  -0.0645 -0.0274 7   DT  A OP2   
124 O "O5'" . DT  A 7 ? 0.2090 0.2399 0.1670 0.0867  -0.0526 -0.0065 7   DT  A "O5'" 
125 C "C5'" . DT  A 7 ? 0.2477 0.2511 0.1861 0.0449  -0.0407 0.0085  7   DT  A "C5'" 
126 C "C4'" . DT  A 7 ? 0.2756 0.1866 0.2571 0.0292  -0.0516 0.0400  7   DT  A "C4'" 
127 O "O4'" . DT  A 7 ? 0.2773 0.1560 0.2866 0.0513  -0.0161 0.0733  7   DT  A "O4'" 
128 C "C3'" . DT  A 7 ? 0.2376 0.1555 0.3039 0.0654  -0.0689 0.0645  7   DT  A "C3'" 
129 O "O3'" . DT  A 7 ? 0.2510 0.2587 0.1620 0.0525  -0.0825 0.0107  7   DT  A "O3'" 
130 C "C2'" . DT  A 7 ? 0.2465 0.1635 0.3674 0.0656  -0.0419 0.0873  7   DT  A "C2'" 
131 C "C1'" . DT  A 7 ? 0.2731 0.1693 0.3151 0.0396  -0.0214 0.0895  7   DT  A "C1'" 
132 N N1    . DT  A 7 ? 0.2304 0.1970 0.2535 0.0495  -0.0012 0.1158  7   DT  A N1    
133 C C2    . DT  A 7 ? 0.2568 0.2052 0.2348 0.0108  0.0123  0.1191  7   DT  A C2    
134 O O2    . DT  A 7 ? 0.4078 0.1596 0.2681 0.0728  0.1012  0.0220  7   DT  A O2    
135 N N3    . DT  A 7 ? 0.2411 0.1994 0.2074 0.0219  -0.0265 0.1052  7   DT  A N3    
136 C C4    . DT  A 7 ? 0.2113 0.2892 0.2158 0.0004  -0.0053 0.1220  7   DT  A C4    
137 O O4    . DT  A 7 ? 0.1974 0.2889 0.3612 -0.0626 0.0819  -0.0027 7   DT  A O4    
138 C C5    . DT  A 7 ? 0.1804 0.3366 0.2303 0.0491  -0.0018 0.1126  7   DT  A C5    
139 C C7    . DT  A 7 ? 0.1653 0.3745 0.5307 0.1043  0.0052  -0.0049 7   DT  A C7    
140 C C6    . DT  A 7 ? 0.2043 0.2789 0.2325 0.0620  -0.0426 0.1307  7   DT  A C6    
141 V V     . V   B . ? 0.3400 0.1709 0.1524 0.1109  -0.0863 -0.0520 8   V   A V     
142 O O     . HOH C . ? 0.0542 0.0540 0.0680 0.0066  -0.0016 0.0111  100 HOH A O     
143 O O     . HOH C . ? 0.0937 0.0570 0.1034 0.0009  0.0104  0.0069  101 HOH A O     
144 O O     . HOH C . ? 0.1581 0.0853 0.0966 0.0177  -0.0216 -0.0157 102 HOH A O     
145 O O     . HOH C . ? 0.2160 0.0690 0.1831 0.0507  0.0206  -0.0807 103 HOH A O     
146 O O     . HOH C . ? 0.1629 0.1265 0.1275 0.0009  -0.0538 0.0179  104 HOH A O     
147 O O     . HOH C . ? 0.1241 0.1119 0.1463 0.0105  0.0085  -0.0358 105 HOH A O     
148 O O     . HOH C . ? 0.0968 0.2310 0.1305 0.0176  0.0238  0.0048  106 HOH A O     
149 O O     . HOH C . ? 0.1822 0.3758 0.3941 -0.0978 -0.1627 0.1151  107 HOH A O     
150 O O     . HOH C . ? 0.0983 0.0894 0.1076 0.0286  -0.0355 -0.0457 108 HOH A O     
151 O O     . HOH C . ? 0.1724 0.2816 0.1872 0.0124  -0.0238 -0.1106 109 HOH A O     
152 O O     . HOH C . ? 0.9016 0.1218 0.1698 0.1306  -0.1598 -0.0285 110 HOH A O     
153 O O     . HOH C . ? 0.4695 0.5394 0.4368 -0.4286 0.3469  -0.4575 111 HOH A O     
154 O O     . HOH C . ? 0.2235 0.2019 0.3913 0.0430  -0.0903 0.0069  112 HOH A O     
155 O O     . HOH C . ? 0.2338 0.2725 0.2557 -0.1104 -0.0206 0.0496  113 HOH A O     
156 O O     . HOH C . ? 0.1798 0.3437 0.2313 0.0462  0.0190  0.0285  114 HOH A O     
157 O O     . HOH C . ? 0.3037 0.4629 0.3702 -0.1612 0.2205  -0.2298 115 HOH A O     
158 O O     . HOH C . ? 0.2502 0.2373 0.3403 -0.0742 0.0053  -0.1173 116 HOH A O     
159 O O     . HOH C . ? 0.6227 0.1507 0.9804 0.0287  -0.2311 0.0822  117 HOH A O     
160 O O     . HOH C . ? 0.3429 0.3197 0.6979 0.1493  0.1789  0.2726  118 HOH A O     
161 O O     . HOH C . ? 0.1319 0.1624 0.3449 0.0222  0.0379  0.0982  119 HOH A O     
162 O O     . HOH C . ? 0.3196 0.2518 0.4980 0.1336  0.1518  0.0168  120 HOH A O     
163 O O     . HOH C . ? 0.9462 0.3468 0.1487 0.3652  -0.0600 -0.0544 121 HOH A O     
164 O O     . HOH C . ? 0.3279 0.3171 0.2414 -0.0449 -0.0695 0.0784  122 HOH A O     
165 O O     . HOH C . ? 0.1299 0.1559 0.1546 -0.0008 0.0412  -0.0351 123 HOH A O     
166 O O     . HOH C . ? 0.1774 0.0667 0.0584 0.0560  -0.0392 -0.0278 124 HOH A O     
167 O O     . HOH C . ? 0.3022 0.1173 0.1410 -0.0759 0.0230  -0.0074 125 HOH A O     
168 O O     . HOH C . ? 0.1653 0.2782 0.3030 -0.0042 -0.0214 0.1312  126 HOH A O     
169 O O     . HOH C . ? 0.1722 0.1893 0.5921 -0.0969 -0.0452 0.1275  127 HOH A O     
170 O O     . HOH C . ? 0.4903 0.3209 0.1885 -0.1958 -0.1619 0.0853  128 HOH A O     
171 O O     . HOH C . ? 0.4497 0.4404 0.1265 -0.2308 -0.0480 0.0695  129 HOH A O     
172 O O     . HOH C . ? 0.7007 0.2790 0.2179 0.0746  -0.0874 0.0835  130 HOH A O     
173 O O     . HOH C . ? 0.4011 0.2850 0.2856 -0.1010 -0.1711 0.0588  131 HOH A O     
174 O O     . HOH C . ? 0.1356 0.3377 0.2236 -0.0480 0.0073  0.1038  132 HOH A O     
175 O O     . HOH C . ? 0.2081 0.4235 0.3840 0.0230  -0.0034 0.1126  133 HOH A O     
176 O O     . HOH C . ? 0.5393 0.8383 0.3918 0.0724  -0.2757 -0.0054 134 HOH A O     
177 O O     . HOH C . ? 0.4729 0.4886 0.5469 -0.1650 0.0543  0.2765  135 HOH A O     
178 O O     . HOH C . ? 0.4301 0.5180 0.7947 -0.1590 0.2627  -0.2236 136 HOH A O     
179 O O     . HOH C . ? 0.1760 0.8376 0.4010 -0.1162 0.0012  0.0913  137 HOH A O     
180 O O     . HOH C . ? 0.3127 0.3214 0.7451 0.0267  -0.0389 0.1423  138 HOH A O     
181 O O     . HOH C . ? 0.6844 0.3559 0.4920 -0.2477 -0.3396 0.2317  139 HOH A O     
182 O O     . HOH C . ? 0.1465 0.8980 0.2609 0.0159  -0.0221 -0.1659 140 HOH A O     
183 O O     . HOH C . ? 0.4130 1.0259 0.4710 -0.2988 0.1888  -0.0311 141 HOH A O     
184 O O     . HOH C . ? 0.7574 0.2792 0.4518 -0.0375 0.0035  -0.1102 142 HOH A O     
185 O O     . HOH C . ? 0.3046 0.8374 0.4374 -0.1348 0.1144  0.0282  143 HOH A O     
186 O O     . HOH C . ? 0.4724 0.4338 0.0957 0.1868  -0.0006 -0.0036 144 HOH A O     
# 
